data_5GJ7
#
_entry.id   5GJ7
#
_cell.length_a   155.691
_cell.length_b   69.384
_cell.length_c   83.255
_cell.angle_alpha   90.000
_cell.angle_beta   90.000
_cell.angle_gamma   90.000
#
_symmetry.space_group_name_H-M   'P 21 21 2'
#
loop_
_entity.id
_entity.type
_entity.pdbx_description
1 polymer 'Acyl-CoA dehydrogenase type 2 domain protein'
2 water water
#
_entity_poly.entity_id   1
_entity_poly.type   'polypeptide(L)'
_entity_poly.pdbx_seq_one_letter_code
;SNAMYDIYGEAALPADVRERLRITRDLAQAFHERAPEHDRAGDFPFENIEDLKASGYVRWTVPVEYGGLGLSLEEMLMHQ
EVLAKGDGSTALAIGWHVGILLHLRETGAFPDELFRMVCESVVKEGALINSCATEPATGSPSRGGKPETTAVKVPGGYRI
TGRKTFSTLSPALTWIMVTATVADEDVVGQFLVRKEDVEIVETWDTLGMRATGSHDIVLKDVFVPEERVIVIQRPGVQAE
RRPDGSGWLLHIPACYLGIALAARDFALEYAATYRPNTLPHPIAEVPHVEQKLGEMELKLLAARTLLYDLARRFDAASPE
ERVKLQPQFGAVKTLATNAANQVVDLAMRVVGGRSLSRALPLERYYRDVRAGLHNPPMDDVVYRNLAKAALARRAAGQ
;
_entity_poly.pdbx_strand_id   A,B
#
# COMPACT_ATOMS: atom_id res chain seq x y z
N SER A 1 20.63 25.85 1.08
CA SER A 1 21.50 26.79 0.32
C SER A 1 21.07 26.81 -1.16
N ASN A 2 21.20 25.68 -1.86
CA ASN A 2 20.65 25.46 -3.23
C ASN A 2 19.28 24.72 -3.18
N ALA A 3 19.21 23.69 -2.33
CA ALA A 3 18.06 22.81 -2.33
C ALA A 3 16.82 23.52 -1.82
N MET A 4 15.68 22.91 -2.12
CA MET A 4 14.35 23.42 -1.75
C MET A 4 13.98 24.74 -2.42
N TYR A 5 14.59 24.97 -3.60
CA TYR A 5 14.20 26.03 -4.52
C TYR A 5 12.70 26.03 -4.85
N ASP A 6 12.01 24.89 -4.78
CA ASP A 6 10.53 24.84 -4.95
C ASP A 6 9.76 25.61 -3.87
N ILE A 7 10.33 25.60 -2.65
CA ILE A 7 9.82 26.42 -1.55
C ILE A 7 10.39 27.83 -1.56
N TYR A 8 11.71 27.95 -1.68
CA TYR A 8 12.38 29.24 -1.39
C TYR A 8 12.75 30.14 -2.59
N GLY A 9 12.51 29.67 -3.82
CA GLY A 9 12.80 30.45 -5.06
C GLY A 9 14.02 29.93 -5.82
N GLU A 10 13.94 29.94 -7.16
CA GLU A 10 15.04 29.50 -8.04
C GLU A 10 16.02 30.64 -8.42
N ALA A 11 15.58 31.88 -8.28
CA ALA A 11 16.41 33.06 -8.60
C ALA A 11 17.83 33.00 -7.98
N ALA A 12 17.94 32.48 -6.75
CA ALA A 12 19.21 32.39 -6.02
C ALA A 12 20.18 31.32 -6.53
N LEU A 13 19.71 30.41 -7.39
CA LEU A 13 20.52 29.26 -7.82
C LEU A 13 21.56 29.70 -8.85
N PRO A 14 22.79 29.19 -8.73
CA PRO A 14 23.78 29.54 -9.77
C PRO A 14 23.36 28.97 -11.16
N ALA A 15 23.80 29.62 -12.24
CA ALA A 15 23.41 29.30 -13.61
C ALA A 15 23.73 27.84 -13.94
N ASP A 16 24.85 27.31 -13.49
CA ASP A 16 25.19 25.88 -13.79
C ASP A 16 24.21 24.85 -13.17
N VAL A 17 23.83 25.08 -11.91
CA VAL A 17 22.88 24.23 -11.22
C VAL A 17 21.48 24.37 -11.86
N ARG A 18 21.07 25.60 -12.22
CA ARG A 18 19.78 25.79 -12.90
C ARG A 18 19.76 25.02 -14.24
N GLU A 19 20.87 25.03 -14.99
CA GLU A 19 20.92 24.28 -16.24
C GLU A 19 20.82 22.76 -15.98
N ARG A 20 21.50 22.29 -14.93
CA ARG A 20 21.44 20.86 -14.64
C ARG A 20 20.04 20.45 -14.18
N LEU A 21 19.37 21.31 -13.44
CA LEU A 21 17.98 21.08 -13.01
C LEU A 21 16.99 21.04 -14.19
N ARG A 22 17.20 21.88 -15.21
CA ARG A 22 16.44 21.78 -16.48
C ARG A 22 16.63 20.38 -17.12
N ILE A 23 17.86 19.89 -17.13
CA ILE A 23 18.15 18.54 -17.66
C ILE A 23 17.43 17.45 -16.88
N THR A 24 17.50 17.45 -15.55
CA THR A 24 16.88 16.39 -14.77
C THR A 24 15.36 16.52 -14.68
N ARG A 25 14.83 17.72 -14.68
CA ARG A 25 13.37 17.91 -14.78
C ARG A 25 12.83 17.33 -16.09
N ASP A 26 13.54 17.60 -17.19
CA ASP A 26 13.23 16.98 -18.53
C ASP A 26 13.22 15.46 -18.48
N LEU A 27 14.29 14.86 -17.92
CA LEU A 27 14.31 13.41 -17.71
C LEU A 27 13.13 12.88 -16.87
N ALA A 28 12.89 13.50 -15.74
CA ALA A 28 11.78 13.15 -14.87
C ALA A 28 10.45 13.16 -15.58
N GLN A 29 10.21 14.17 -16.39
CA GLN A 29 8.95 14.25 -17.14
C GLN A 29 8.78 13.02 -18.07
N ALA A 30 9.83 12.65 -18.79
CA ALA A 30 9.77 11.48 -19.62
C ALA A 30 9.56 10.20 -18.77
N PHE A 31 10.23 10.09 -17.62
CA PHE A 31 10.06 8.89 -16.79
C PHE A 31 8.60 8.75 -16.30
N HIS A 32 8.03 9.88 -15.93
CA HIS A 32 6.63 9.99 -15.51
C HIS A 32 5.69 9.48 -16.57
N GLU A 33 5.91 9.91 -17.80
CA GLU A 33 5.03 9.49 -18.89
C GLU A 33 5.14 7.98 -19.16
N ARG A 34 6.35 7.44 -18.98
CA ARG A 34 6.60 5.99 -19.16
C ARG A 34 6.26 5.09 -17.96
N ALA A 35 6.05 5.69 -16.80
CA ALA A 35 6.07 4.88 -15.54
C ALA A 35 4.88 3.90 -15.45
N PRO A 36 3.70 4.29 -15.92
CA PRO A 36 2.55 3.38 -15.71
C PRO A 36 2.70 1.99 -16.36
N GLU A 37 3.16 1.92 -17.61
CA GLU A 37 3.28 0.67 -18.34
C GLU A 37 4.44 -0.14 -17.74
N HIS A 38 5.52 0.52 -17.36
CA HIS A 38 6.65 -0.19 -16.74
C HIS A 38 6.25 -0.82 -15.40
N ASP A 39 5.47 -0.11 -14.58
CA ASP A 39 4.88 -0.67 -13.35
C ASP A 39 3.92 -1.81 -13.63
N ARG A 40 3.05 -1.65 -14.61
CA ARG A 40 2.06 -2.70 -14.92
C ARG A 40 2.77 -3.94 -15.44
N ALA A 41 3.70 -3.78 -16.38
CA ALA A 41 4.39 -4.93 -16.96
C ALA A 41 5.50 -5.44 -16.06
N GLY A 42 6.02 -4.61 -15.17
CA GLY A 42 7.18 -4.98 -14.37
C GLY A 42 8.43 -5.21 -15.20
N ASP A 43 8.56 -4.47 -16.33
CA ASP A 43 9.69 -4.63 -17.28
C ASP A 43 10.74 -3.53 -17.07
N PHE A 44 12.02 -3.90 -17.18
CA PHE A 44 13.09 -3.02 -16.85
C PHE A 44 13.13 -1.77 -17.74
N PRO A 45 13.33 -0.58 -17.18
CA PRO A 45 13.21 0.65 -18.01
C PRO A 45 14.51 0.98 -18.77
N PHE A 46 14.88 0.15 -19.75
CA PHE A 46 16.12 0.36 -20.48
C PHE A 46 16.18 1.70 -21.18
N GLU A 47 15.07 2.17 -21.72
CA GLU A 47 15.06 3.46 -22.39
C GLU A 47 15.33 4.64 -21.46
N ASN A 48 14.82 4.57 -20.24
CA ASN A 48 15.16 5.56 -19.22
C ASN A 48 16.67 5.57 -18.94
N ILE A 49 17.25 4.41 -18.77
CA ILE A 49 18.70 4.32 -18.60
C ILE A 49 19.48 4.87 -19.81
N GLU A 50 19.05 4.57 -21.03
CA GLU A 50 19.65 5.21 -22.22
C GLU A 50 19.54 6.76 -22.20
N ASP A 51 18.39 7.30 -21.77
CA ASP A 51 18.26 8.76 -21.62
C ASP A 51 19.23 9.34 -20.57
N LEU A 52 19.40 8.68 -19.43
CA LEU A 52 20.31 9.12 -18.41
C LEU A 52 21.76 9.14 -18.97
N LYS A 53 22.14 8.11 -19.72
CA LYS A 53 23.48 8.07 -20.32
C LYS A 53 23.64 9.19 -21.34
N ALA A 54 22.64 9.38 -22.19
CA ALA A 54 22.74 10.39 -23.26
C ALA A 54 22.86 11.78 -22.66
N SER A 55 22.13 12.02 -21.56
CA SER A 55 22.14 13.34 -20.95
C SER A 55 23.50 13.69 -20.31
N GLY A 56 24.32 12.67 -19.99
CA GLY A 56 25.51 12.91 -19.22
C GLY A 56 25.35 12.74 -17.71
N TYR A 57 24.12 12.58 -17.21
CA TYR A 57 23.84 12.47 -15.79
C TYR A 57 24.75 11.43 -15.09
N VAL A 58 25.00 10.34 -15.77
CA VAL A 58 25.71 9.23 -15.16
C VAL A 58 27.15 9.51 -14.79
N ARG A 59 27.72 10.58 -15.34
CA ARG A 59 29.09 10.95 -15.03
C ARG A 59 29.20 12.17 -14.14
N TRP A 60 28.07 12.71 -13.66
CA TRP A 60 28.12 13.94 -12.91
C TRP A 60 28.91 13.81 -11.57
N THR A 61 28.91 12.65 -10.92
CA THR A 61 29.70 12.48 -9.69
C THR A 61 31.12 12.00 -9.87
N VAL A 62 31.50 11.63 -11.09
CA VAL A 62 32.89 11.31 -11.41
C VAL A 62 33.76 12.58 -11.21
N PRO A 63 34.95 12.46 -10.66
CA PRO A 63 35.74 13.70 -10.47
C PRO A 63 36.03 14.47 -11.78
N VAL A 64 36.20 15.78 -11.62
CA VAL A 64 36.52 16.64 -12.77
C VAL A 64 37.77 16.20 -13.52
N GLU A 65 38.81 15.75 -12.83
CA GLU A 65 40.04 15.35 -13.50
C GLU A 65 39.85 14.17 -14.50
N TYR A 66 38.87 13.30 -14.25
CA TYR A 66 38.57 12.20 -15.16
C TYR A 66 37.40 12.51 -16.09
N GLY A 67 36.92 13.77 -16.10
CA GLY A 67 35.89 14.17 -17.09
C GLY A 67 34.47 14.16 -16.61
N GLY A 68 34.31 14.06 -15.30
CA GLY A 68 32.99 14.26 -14.69
C GLY A 68 32.83 15.69 -14.22
N LEU A 69 31.82 15.90 -13.41
CA LEU A 69 31.49 17.22 -12.89
C LEU A 69 31.80 17.36 -11.39
N GLY A 70 32.26 16.29 -10.73
CA GLY A 70 32.57 16.30 -9.30
C GLY A 70 31.43 16.82 -8.43
N LEU A 71 30.18 16.50 -8.77
CA LEU A 71 29.02 17.09 -8.09
C LEU A 71 29.07 16.82 -6.58
N SER A 72 28.59 17.80 -5.87
CA SER A 72 28.44 17.69 -4.40
C SER A 72 27.34 16.69 -4.02
N LEU A 73 27.41 16.16 -2.79
CA LEU A 73 26.34 15.27 -2.33
C LEU A 73 24.99 16.04 -2.25
N GLU A 74 25.05 17.26 -1.84
CA GLU A 74 23.82 18.11 -1.76
C GLU A 74 23.16 18.19 -3.12
N GLU A 75 23.94 18.51 -4.15
CA GLU A 75 23.36 18.60 -5.49
C GLU A 75 22.93 17.22 -6.06
N MET A 76 23.69 16.18 -5.83
CA MET A 76 23.28 14.86 -6.26
C MET A 76 21.91 14.53 -5.65
N LEU A 77 21.73 14.81 -4.36
CA LEU A 77 20.43 14.53 -3.73
C LEU A 77 19.31 15.34 -4.38
N MET A 78 19.56 16.60 -4.75
CA MET A 78 18.54 17.44 -5.38
C MET A 78 18.06 16.77 -6.68
N HIS A 79 19.01 16.27 -7.47
CA HIS A 79 18.63 15.66 -8.75
C HIS A 79 17.94 14.33 -8.55
N GLN A 80 18.43 13.52 -7.60
CA GLN A 80 17.74 12.27 -7.25
C GLN A 80 16.29 12.49 -6.85
N GLU A 81 16.04 13.55 -6.07
CA GLU A 81 14.71 13.85 -5.66
C GLU A 81 13.85 14.24 -6.88
N VAL A 82 14.40 15.01 -7.81
CA VAL A 82 13.70 15.42 -9.06
C VAL A 82 13.38 14.16 -9.92
N LEU A 83 14.35 13.28 -10.05
CA LEU A 83 14.19 12.09 -10.93
C LEU A 83 13.13 11.18 -10.31
N ALA A 84 13.18 11.02 -8.97
CA ALA A 84 12.25 10.13 -8.23
C ALA A 84 10.80 10.59 -8.33
N LYS A 85 10.58 11.88 -8.44
CA LYS A 85 9.23 12.37 -8.60
C LYS A 85 8.66 11.83 -9.89
N GLY A 86 9.51 11.73 -10.91
CA GLY A 86 9.08 11.15 -12.17
C GLY A 86 8.86 9.66 -12.12
N ASP A 87 9.83 8.92 -11.55
CA ASP A 87 9.69 7.50 -11.40
C ASP A 87 10.65 7.00 -10.33
N GLY A 88 10.09 6.51 -9.25
CA GLY A 88 10.89 6.05 -8.10
C GLY A 88 11.87 4.98 -8.46
N SER A 89 11.40 3.94 -9.16
CA SER A 89 12.23 2.79 -9.53
C SER A 89 13.49 3.22 -10.24
N THR A 90 13.31 4.00 -11.30
CA THR A 90 14.47 4.44 -12.11
C THR A 90 15.47 5.30 -11.30
N ALA A 91 14.93 6.27 -10.55
CA ALA A 91 15.76 7.13 -9.69
C ALA A 91 16.53 6.32 -8.74
N LEU A 92 15.87 5.43 -8.04
CA LEU A 92 16.57 4.71 -6.98
C LEU A 92 17.69 3.86 -7.61
N ALA A 93 17.37 3.15 -8.69
CA ALA A 93 18.38 2.37 -9.40
C ALA A 93 19.63 3.19 -9.87
N ILE A 94 19.44 4.31 -10.53
CA ILE A 94 20.59 5.09 -10.98
C ILE A 94 21.27 5.82 -9.80
N GLY A 95 20.53 6.06 -8.71
CA GLY A 95 21.09 6.57 -7.47
C GLY A 95 22.21 5.71 -6.93
N TRP A 96 22.07 4.38 -7.05
CA TRP A 96 23.10 3.47 -6.60
C TRP A 96 24.42 3.68 -7.39
N HIS A 97 24.30 3.93 -8.69
CA HIS A 97 25.43 4.20 -9.54
C HIS A 97 26.10 5.57 -9.22
N VAL A 98 25.36 6.68 -9.33
CA VAL A 98 25.96 8.01 -9.07
C VAL A 98 26.47 8.13 -7.60
N GLY A 99 25.75 7.48 -6.70
CA GLY A 99 26.14 7.45 -5.31
C GLY A 99 27.41 6.66 -5.04
N ILE A 100 27.50 5.45 -5.59
CA ILE A 100 28.69 4.63 -5.36
C ILE A 100 29.92 5.35 -5.93
N LEU A 101 29.77 6.05 -7.05
CA LEU A 101 30.89 6.78 -7.63
C LEU A 101 31.29 7.93 -6.70
N LEU A 102 30.30 8.59 -6.07
CA LEU A 102 30.62 9.64 -5.08
C LEU A 102 31.37 9.03 -3.88
N HIS A 103 30.89 7.88 -3.40
CA HIS A 103 31.57 7.08 -2.33
C HIS A 103 33.02 6.78 -2.66
N LEU A 104 33.29 6.30 -3.87
CA LEU A 104 34.68 5.95 -4.29
C LEU A 104 35.58 7.15 -4.40
N ARG A 105 35.02 8.23 -4.93
CA ARG A 105 35.74 9.51 -5.04
C ARG A 105 36.13 10.07 -3.68
N GLU A 106 35.22 9.99 -2.69
CA GLU A 106 35.45 10.56 -1.40
C GLU A 106 36.29 9.66 -0.49
N THR A 107 36.43 8.37 -0.81
CA THR A 107 37.16 7.42 0.09
C THR A 107 38.47 6.96 -0.44
N GLY A 108 38.69 7.05 -1.76
CA GLY A 108 39.79 6.30 -2.41
C GLY A 108 39.79 4.82 -2.12
N ALA A 109 38.61 4.22 -1.96
CA ALA A 109 38.53 2.74 -1.76
C ALA A 109 39.16 1.92 -2.92
N PHE A 110 39.08 2.44 -4.15
CA PHE A 110 39.73 1.75 -5.29
C PHE A 110 41.19 2.11 -5.39
N PRO A 111 42.07 1.15 -5.80
CA PRO A 111 43.40 1.53 -6.30
C PRO A 111 43.28 2.58 -7.37
N ASP A 112 44.29 3.45 -7.49
CA ASP A 112 44.21 4.62 -8.38
C ASP A 112 43.96 4.25 -9.82
N GLU A 113 44.71 3.27 -10.28
CA GLU A 113 44.63 2.87 -11.67
C GLU A 113 43.23 2.29 -11.99
N LEU A 114 42.68 1.52 -11.06
CA LEU A 114 41.38 0.91 -11.26
C LEU A 114 40.24 1.96 -11.29
N PHE A 115 40.34 2.97 -10.42
CA PHE A 115 39.37 4.06 -10.38
C PHE A 115 39.40 4.87 -11.68
N ARG A 116 40.61 5.15 -12.17
CA ARG A 116 40.80 5.83 -13.43
C ARG A 116 40.15 5.02 -14.59
N MET A 117 40.39 3.71 -14.64
CA MET A 117 39.80 2.84 -15.68
C MET A 117 38.26 2.89 -15.64
N VAL A 118 37.68 2.72 -14.45
CA VAL A 118 36.25 2.76 -14.29
C VAL A 118 35.67 4.14 -14.65
N CYS A 119 36.27 5.21 -14.11
CA CYS A 119 35.83 6.58 -14.42
C CYS A 119 35.86 6.86 -15.94
N GLU A 120 36.91 6.44 -16.61
CA GLU A 120 36.97 6.57 -18.09
C GLU A 120 35.85 5.84 -18.82
N SER A 121 35.55 4.62 -18.38
CA SER A 121 34.46 3.87 -18.95
C SER A 121 33.08 4.58 -18.70
N VAL A 122 32.90 5.14 -17.51
CA VAL A 122 31.67 5.89 -17.22
C VAL A 122 31.59 7.14 -18.09
N VAL A 123 32.68 7.90 -18.15
CA VAL A 123 32.67 9.15 -18.95
C VAL A 123 32.55 8.90 -20.47
N LYS A 124 33.34 7.99 -21.00
CA LYS A 124 33.40 7.77 -22.45
C LYS A 124 32.30 6.85 -22.99
N GLU A 125 31.84 5.85 -22.22
CA GLU A 125 30.86 4.86 -22.75
C GLU A 125 29.54 4.87 -22.00
N GLY A 126 29.45 5.63 -20.91
CA GLY A 126 28.30 5.56 -20.01
C GLY A 126 28.15 4.23 -19.31
N ALA A 127 29.25 3.57 -19.00
CA ALA A 127 29.23 2.32 -18.22
C ALA A 127 28.64 2.55 -16.83
N LEU A 128 27.82 1.63 -16.33
CA LEU A 128 27.22 1.77 -15.05
C LEU A 128 27.83 0.78 -14.06
N ILE A 129 27.89 1.18 -12.79
CA ILE A 129 28.56 0.38 -11.72
C ILE A 129 27.65 0.34 -10.50
N ASN A 130 27.62 -0.80 -9.81
CA ASN A 130 27.02 -0.91 -8.50
C ASN A 130 27.80 -1.94 -7.66
N SER A 131 27.58 -1.87 -6.36
CA SER A 131 28.20 -2.80 -5.41
C SER A 131 27.15 -3.79 -4.99
N CYS A 132 27.46 -5.08 -5.05
CA CYS A 132 26.47 -6.12 -4.73
C CYS A 132 27.10 -7.05 -3.72
N ALA A 133 26.80 -6.83 -2.43
CA ALA A 133 27.39 -7.62 -1.35
C ALA A 133 26.43 -8.66 -0.73
N THR A 134 25.15 -8.32 -0.57
CA THR A 134 24.16 -9.17 0.15
C THR A 134 23.84 -10.44 -0.63
N GLU A 135 23.52 -11.53 0.08
CA GLU A 135 23.31 -12.86 -0.48
C GLU A 135 22.01 -13.47 0.03
N PRO A 136 21.46 -14.51 -0.62
CA PRO A 136 20.35 -15.23 0.02
C PRO A 136 20.85 -16.17 1.13
N PRO A 147 30.70 -14.29 3.98
CA PRO A 147 30.16 -14.32 2.59
C PRO A 147 30.27 -15.72 1.98
N GLU A 148 29.14 -16.25 1.53
CA GLU A 148 29.06 -17.59 0.90
C GLU A 148 29.72 -17.59 -0.50
N THR A 149 29.58 -16.47 -1.23
CA THR A 149 30.26 -16.30 -2.52
C THR A 149 31.78 -16.49 -2.33
N THR A 150 32.40 -17.24 -3.23
CA THR A 150 33.76 -17.68 -3.01
C THR A 150 34.63 -17.31 -4.17
N ALA A 151 35.84 -16.86 -3.90
CA ALA A 151 36.88 -16.64 -4.91
C ALA A 151 37.98 -17.64 -4.72
N VAL A 152 38.45 -18.25 -5.80
CA VAL A 152 39.53 -19.22 -5.78
C VAL A 152 40.65 -18.56 -6.56
N LYS A 153 41.84 -18.61 -6.00
CA LYS A 153 43.01 -18.04 -6.64
C LYS A 153 43.40 -18.95 -7.79
N VAL A 154 43.58 -18.38 -8.97
CA VAL A 154 44.05 -19.15 -10.15
C VAL A 154 45.16 -18.38 -10.84
N PRO A 155 45.83 -19.01 -11.80
CA PRO A 155 46.81 -18.22 -12.54
C PRO A 155 46.18 -16.98 -13.15
N GLY A 156 46.73 -15.80 -12.80
CA GLY A 156 46.30 -14.57 -13.37
C GLY A 156 45.26 -13.78 -12.60
N GLY A 157 44.61 -14.41 -11.60
CA GLY A 157 43.56 -13.75 -10.88
C GLY A 157 42.75 -14.71 -10.03
N TYR A 158 41.43 -14.60 -10.13
CA TYR A 158 40.52 -15.37 -9.27
C TYR A 158 39.34 -15.85 -10.12
N ARG A 159 38.76 -16.98 -9.72
CA ARG A 159 37.45 -17.43 -10.18
C ARG A 159 36.46 -17.28 -9.05
N ILE A 160 35.31 -16.67 -9.35
CA ILE A 160 34.26 -16.38 -8.39
C ILE A 160 32.99 -17.14 -8.70
N THR A 161 32.50 -17.84 -7.68
CA THR A 161 31.27 -18.62 -7.73
C THR A 161 30.40 -18.21 -6.51
N GLY A 162 29.15 -17.85 -6.78
CA GLY A 162 28.24 -17.46 -5.71
C GLY A 162 26.97 -16.84 -6.27
N ARG A 163 26.32 -16.04 -5.40
CA ARG A 163 25.03 -15.49 -5.71
C ARG A 163 24.76 -14.28 -4.84
N LYS A 164 24.38 -13.18 -5.46
CA LYS A 164 24.12 -11.95 -4.76
C LYS A 164 22.69 -11.59 -5.03
N THR A 165 22.13 -10.78 -4.15
CA THR A 165 20.69 -10.53 -4.18
C THR A 165 20.40 -9.02 -4.12
N PHE A 166 19.17 -8.64 -4.50
CA PHE A 166 18.72 -7.25 -4.52
C PHE A 166 19.58 -6.29 -5.33
N SER A 167 19.93 -6.67 -6.54
CA SER A 167 20.79 -5.79 -7.33
C SER A 167 19.95 -5.05 -8.39
N THR A 168 19.37 -3.92 -8.01
CA THR A 168 18.27 -3.32 -8.79
C THR A 168 18.64 -2.76 -10.15
N LEU A 169 19.86 -2.26 -10.32
CA LEU A 169 20.30 -1.78 -11.63
C LEU A 169 20.93 -2.85 -12.53
N SER A 170 21.03 -4.07 -12.02
CA SER A 170 21.89 -5.10 -12.67
C SER A 170 21.67 -5.40 -14.14
N PRO A 171 20.40 -5.39 -14.62
CA PRO A 171 20.20 -5.60 -16.04
C PRO A 171 20.94 -4.61 -16.94
N ALA A 172 21.26 -3.41 -16.44
CA ALA A 172 21.91 -2.36 -17.22
C ALA A 172 23.34 -2.10 -16.79
N LEU A 173 23.89 -2.93 -15.90
CA LEU A 173 25.24 -2.65 -15.41
C LEU A 173 26.29 -3.05 -16.42
N THR A 174 27.44 -2.38 -16.33
CA THR A 174 28.70 -2.88 -16.92
C THR A 174 29.61 -3.52 -15.88
N TRP A 175 29.70 -2.89 -14.71
CA TRP A 175 30.60 -3.30 -13.67
C TRP A 175 29.82 -3.63 -12.39
N ILE A 176 30.32 -4.64 -11.68
CA ILE A 176 29.74 -5.07 -10.45
C ILE A 176 30.86 -5.31 -9.44
N MET A 177 30.78 -4.65 -8.30
CA MET A 177 31.73 -4.85 -7.19
C MET A 177 31.12 -5.93 -6.33
N VAL A 178 31.84 -7.01 -6.11
CA VAL A 178 31.25 -8.11 -5.41
C VAL A 178 32.23 -8.57 -4.34
N THR A 179 31.68 -8.88 -3.18
CA THR A 179 32.47 -9.46 -2.07
C THR A 179 32.45 -10.93 -2.17
N ALA A 180 33.57 -11.53 -1.80
CA ALA A 180 33.67 -12.94 -1.78
C ALA A 180 34.77 -13.36 -0.78
N THR A 181 34.66 -14.56 -0.25
CA THR A 181 35.67 -15.11 0.65
C THR A 181 36.63 -15.84 -0.19
N VAL A 182 37.92 -15.59 0.02
CA VAL A 182 38.96 -16.29 -0.68
C VAL A 182 39.13 -17.67 -0.01
N ALA A 183 39.01 -18.76 -0.78
CA ALA A 183 38.97 -20.10 -0.19
C ALA A 183 40.37 -20.40 0.27
N ASP A 184 40.46 -20.97 1.46
CA ASP A 184 41.76 -21.40 2.05
C ASP A 184 42.66 -20.24 2.54
N GLU A 185 42.17 -19.00 2.53
CA GLU A 185 42.73 -17.97 3.40
C GLU A 185 41.75 -17.49 4.45
N ASP A 186 40.45 -17.75 4.23
CA ASP A 186 39.38 -17.31 5.09
C ASP A 186 39.39 -15.78 5.33
N VAL A 187 39.78 -15.03 4.29
CA VAL A 187 39.74 -13.54 4.30
C VAL A 187 38.76 -13.07 3.20
N VAL A 188 38.10 -11.94 3.41
CA VAL A 188 37.12 -11.42 2.45
C VAL A 188 37.80 -10.49 1.47
N GLY A 189 37.44 -10.61 0.18
CA GLY A 189 37.89 -9.69 -0.86
C GLY A 189 36.72 -8.98 -1.54
N GLN A 190 37.04 -7.89 -2.23
CA GLN A 190 36.12 -7.27 -3.15
C GLN A 190 36.75 -7.26 -4.56
N PHE A 191 35.92 -7.61 -5.55
CA PHE A 191 36.40 -7.89 -6.93
C PHE A 191 35.54 -7.16 -7.95
N LEU A 192 36.17 -6.58 -8.98
CA LEU A 192 35.35 -5.83 -9.97
C LEU A 192 35.05 -6.82 -11.10
N VAL A 193 33.81 -7.23 -11.17
CA VAL A 193 33.33 -8.23 -12.10
C VAL A 193 32.63 -7.51 -13.28
N ARG A 194 32.76 -8.03 -14.50
CA ARG A 194 31.99 -7.53 -15.66
C ARG A 194 30.61 -8.14 -15.63
N LYS A 195 29.58 -7.32 -15.76
CA LYS A 195 28.20 -7.81 -15.80
C LYS A 195 27.99 -8.86 -16.94
N GLU A 196 28.68 -8.69 -18.07
CA GLU A 196 28.53 -9.62 -19.15
C GLU A 196 28.99 -11.03 -18.77
N ASP A 197 29.75 -11.18 -17.66
CA ASP A 197 30.20 -12.51 -17.20
C ASP A 197 29.25 -13.22 -16.23
N VAL A 198 28.19 -12.58 -15.80
CA VAL A 198 27.26 -13.14 -14.79
C VAL A 198 25.90 -13.44 -15.42
N GLU A 199 25.05 -14.16 -14.71
CA GLU A 199 23.67 -14.41 -15.12
C GLU A 199 22.78 -13.58 -14.20
N ILE A 200 21.89 -12.79 -14.80
CA ILE A 200 20.89 -12.02 -14.03
C ILE A 200 19.67 -12.92 -14.00
N VAL A 201 19.15 -13.24 -12.82
CA VAL A 201 18.01 -14.17 -12.69
C VAL A 201 16.90 -13.41 -11.99
N GLU A 202 15.69 -13.52 -12.51
CA GLU A 202 14.54 -12.85 -11.94
C GLU A 202 14.11 -13.67 -10.75
N THR A 203 13.79 -12.98 -9.67
CA THR A 203 13.20 -13.62 -8.49
C THR A 203 11.75 -13.11 -8.39
N TRP A 204 11.15 -13.10 -7.21
CA TRP A 204 9.72 -12.73 -7.11
C TRP A 204 9.49 -11.27 -7.39
N ASP A 205 8.34 -10.95 -7.94
CA ASP A 205 8.04 -9.55 -8.13
C ASP A 205 7.57 -8.96 -6.79
N THR A 206 7.41 -7.66 -6.75
CA THR A 206 7.32 -6.97 -5.45
C THR A 206 6.11 -6.06 -5.48
N LEU A 207 5.76 -5.58 -4.30
CA LEU A 207 4.66 -4.68 -4.06
C LEU A 207 4.79 -3.47 -4.96
N GLY A 208 5.93 -2.78 -4.84
CA GLY A 208 6.20 -1.58 -5.67
C GLY A 208 7.60 -1.61 -6.26
N MET A 209 8.03 -0.44 -6.71
CA MET A 209 9.31 -0.28 -7.41
C MET A 209 9.43 -1.41 -8.47
N ARG A 210 8.37 -1.70 -9.22
CA ARG A 210 8.29 -2.95 -9.95
C ARG A 210 9.02 -2.91 -11.32
N ALA A 211 9.22 -1.72 -11.86
CA ALA A 211 9.89 -1.58 -13.18
C ALA A 211 11.30 -2.20 -13.07
N THR A 212 12.08 -1.77 -12.11
CA THR A 212 13.44 -2.33 -11.96
C THR A 212 13.45 -3.75 -11.41
N GLY A 213 12.43 -4.07 -10.61
CA GLY A 213 12.19 -5.43 -10.19
C GLY A 213 13.23 -5.89 -9.20
N SER A 214 13.26 -7.18 -8.93
CA SER A 214 14.24 -7.78 -8.04
C SER A 214 15.01 -8.78 -8.88
N HIS A 215 16.32 -8.61 -8.94
CA HIS A 215 17.13 -9.63 -9.60
C HIS A 215 18.28 -10.13 -8.74
N ASP A 216 18.56 -11.41 -8.82
CA ASP A 216 19.77 -11.97 -8.27
C ASP A 216 20.84 -11.97 -9.35
N ILE A 217 22.12 -11.84 -8.96
CA ILE A 217 23.19 -12.06 -9.89
C ILE A 217 23.88 -13.40 -9.53
N VAL A 218 24.01 -14.28 -10.52
CA VAL A 218 24.60 -15.59 -10.34
C VAL A 218 25.96 -15.61 -11.02
N LEU A 219 26.99 -16.02 -10.25
CA LEU A 219 28.34 -16.10 -10.72
C LEU A 219 28.69 -17.56 -10.73
N LYS A 220 28.95 -18.10 -11.91
CA LYS A 220 29.54 -19.43 -12.02
C LYS A 220 30.84 -19.28 -12.78
N ASP A 221 31.93 -19.58 -12.11
CA ASP A 221 33.20 -19.65 -12.78
C ASP A 221 33.62 -18.31 -13.35
N VAL A 222 33.36 -17.20 -12.65
CA VAL A 222 33.64 -15.88 -13.18
C VAL A 222 35.09 -15.48 -12.94
N PHE A 223 35.82 -15.21 -14.01
CA PHE A 223 37.22 -14.81 -13.94
C PHE A 223 37.33 -13.34 -13.65
N VAL A 224 38.12 -13.01 -12.61
CA VAL A 224 38.54 -11.63 -12.30
C VAL A 224 40.08 -11.62 -12.37
N PRO A 225 40.66 -10.89 -13.32
CA PRO A 225 42.09 -10.78 -13.37
C PRO A 225 42.59 -9.93 -12.17
N GLU A 226 43.87 -10.11 -11.84
CA GLU A 226 44.49 -9.45 -10.72
C GLU A 226 44.30 -7.94 -10.72
N GLU A 227 44.39 -7.30 -11.89
CA GLU A 227 44.17 -5.84 -11.99
C GLU A 227 42.75 -5.31 -11.61
N ARG A 228 41.75 -6.20 -11.54
CA ARG A 228 40.39 -5.85 -11.12
C ARG A 228 40.02 -6.34 -9.71
N VAL A 229 41.03 -6.73 -8.95
CA VAL A 229 40.89 -6.99 -7.54
C VAL A 229 40.86 -5.59 -6.87
N ILE A 230 39.83 -5.30 -6.10
CA ILE A 230 39.68 -3.99 -5.44
C ILE A 230 40.54 -4.03 -4.16
N VAL A 231 40.27 -5.01 -3.32
CA VAL A 231 40.99 -5.16 -2.07
C VAL A 231 40.85 -6.60 -1.57
N ILE A 232 41.89 -7.10 -0.90
CA ILE A 232 41.78 -8.32 -0.11
C ILE A 232 42.01 -7.92 1.36
N GLN A 233 41.00 -8.12 2.22
CA GLN A 233 41.02 -7.66 3.63
C GLN A 233 41.78 -8.66 4.52
N ARG A 234 43.10 -8.57 4.43
CA ARG A 234 44.04 -9.24 5.36
C ARG A 234 44.26 -8.39 6.66
N PRO A 235 45.08 -8.91 7.63
CA PRO A 235 45.59 -8.04 8.71
C PRO A 235 46.56 -6.94 8.19
N GLY A 236 46.19 -5.67 8.38
CA GLY A 236 47.05 -4.52 8.03
C GLY A 236 46.62 -3.58 6.89
N VAL A 237 45.94 -4.10 5.87
CA VAL A 237 45.67 -3.34 4.59
C VAL A 237 45.01 -1.92 4.66
N GLN A 238 43.76 -1.71 5.06
CA GLN A 238 42.74 -2.71 5.30
C GLN A 238 41.36 -2.45 4.63
N ALA A 239 41.10 -1.27 4.02
CA ALA A 239 39.75 -0.97 3.48
C ALA A 239 39.65 0.22 2.50
N GLU A 240 39.82 1.44 3.02
CA GLU A 240 39.57 2.70 2.29
C GLU A 240 40.53 3.79 2.81
N ARG A 241 41.12 4.58 1.91
CA ARG A 241 42.12 5.59 2.32
C ARG A 241 41.56 6.64 3.33
N ARG A 242 40.27 6.96 3.26
CA ARG A 242 39.68 7.87 4.24
C ARG A 242 38.19 7.67 4.33
N PRO A 243 37.68 7.50 5.54
CA PRO A 243 36.27 7.14 5.63
C PRO A 243 35.31 8.27 5.24
N ASP A 244 34.09 7.90 4.83
CA ASP A 244 33.04 8.88 4.48
C ASP A 244 31.74 8.76 5.27
N GLY A 245 31.74 7.92 6.29
CA GLY A 245 30.51 7.66 7.08
C GLY A 245 29.27 7.18 6.27
N SER A 246 29.48 6.67 5.06
CA SER A 246 28.39 6.21 4.18
C SER A 246 27.39 7.33 3.87
N GLY A 247 27.85 8.60 3.89
CA GLY A 247 26.98 9.71 3.56
C GLY A 247 26.22 9.55 2.25
N TRP A 248 26.86 8.92 1.26
CA TRP A 248 26.23 8.70 -0.05
C TRP A 248 24.92 7.94 0.00
N LEU A 249 24.70 7.20 1.08
CA LEU A 249 23.45 6.46 1.31
C LEU A 249 22.27 7.38 1.57
N LEU A 250 22.48 8.69 1.75
CA LEU A 250 21.36 9.66 1.66
C LEU A 250 20.60 9.68 0.37
N HIS A 251 21.12 9.08 -0.71
CA HIS A 251 20.37 8.97 -1.96
C HIS A 251 19.05 8.25 -1.74
N ILE A 252 19.04 7.31 -0.81
CA ILE A 252 17.87 6.50 -0.52
C ILE A 252 16.71 7.40 -0.04
N PRO A 253 16.87 8.16 1.10
CA PRO A 253 15.77 9.04 1.50
C PRO A 253 15.44 10.12 0.52
N ALA A 254 16.43 10.56 -0.29
CA ALA A 254 16.12 11.54 -1.35
C ALA A 254 15.09 11.02 -2.32
N CYS A 255 15.28 9.76 -2.69
CA CYS A 255 14.35 9.13 -3.65
C CYS A 255 12.88 9.01 -3.09
N TYR A 256 12.78 8.53 -1.86
CA TYR A 256 11.46 8.39 -1.19
C TYR A 256 10.75 9.76 -0.98
N LEU A 257 11.52 10.83 -0.73
CA LEU A 257 10.94 12.18 -0.63
C LEU A 257 10.45 12.68 -1.96
N GLY A 258 11.17 12.35 -3.04
CA GLY A 258 10.68 12.71 -4.36
C GLY A 258 9.37 12.03 -4.71
N ILE A 259 9.22 10.77 -4.31
CA ILE A 259 7.94 10.06 -4.54
C ILE A 259 6.85 10.79 -3.71
N ALA A 260 7.16 11.11 -2.46
CA ALA A 260 6.19 11.89 -1.69
C ALA A 260 5.81 13.21 -2.31
N LEU A 261 6.80 13.94 -2.87
CA LEU A 261 6.50 15.18 -3.56
C LEU A 261 5.57 15.03 -4.73
N ALA A 262 5.75 13.97 -5.55
CA ALA A 262 4.80 13.66 -6.67
C ALA A 262 3.41 13.44 -6.12
N ALA A 263 3.31 12.75 -4.98
CA ALA A 263 1.99 12.45 -4.41
C ALA A 263 1.35 13.75 -3.94
N ARG A 264 2.15 14.56 -3.28
CA ARG A 264 1.70 15.89 -2.85
C ARG A 264 1.24 16.76 -3.98
N ASP A 265 2.09 16.89 -5.00
CA ASP A 265 1.75 17.73 -6.20
C ASP A 265 0.47 17.24 -6.81
N PHE A 266 0.33 15.93 -6.91
CA PHE A 266 -0.92 15.37 -7.39
C PHE A 266 -2.18 15.81 -6.62
N ALA A 267 -2.14 15.66 -5.30
CA ALA A 267 -3.25 15.89 -4.43
C ALA A 267 -3.57 17.37 -4.35
N LEU A 268 -2.54 18.21 -4.37
CA LEU A 268 -2.73 19.63 -4.43
C LEU A 268 -3.44 20.09 -5.72
N GLU A 269 -2.93 19.64 -6.88
CA GLU A 269 -3.59 19.86 -8.16
C GLU A 269 -5.05 19.37 -8.14
N TYR A 270 -5.27 18.17 -7.66
CA TYR A 270 -6.64 17.63 -7.59
C TYR A 270 -7.53 18.50 -6.74
N ALA A 271 -7.05 18.80 -5.53
CA ALA A 271 -7.81 19.60 -4.58
C ALA A 271 -8.11 21.00 -5.11
N ALA A 272 -7.16 21.58 -5.85
CA ALA A 272 -7.39 22.95 -6.43
C ALA A 272 -8.46 22.97 -7.49
N THR A 273 -8.66 21.84 -8.17
CA THR A 273 -9.43 21.83 -9.37
C THR A 273 -10.71 21.01 -9.32
N TYR A 274 -10.85 20.12 -8.34
CA TYR A 274 -12.05 19.29 -8.24
C TYR A 274 -13.07 20.04 -7.37
N ARG A 275 -14.20 20.36 -8.00
CA ARG A 275 -15.31 21.02 -7.34
C ARG A 275 -16.49 20.08 -7.55
N PRO A 276 -16.90 19.30 -6.51
CA PRO A 276 -18.11 18.49 -6.69
C PRO A 276 -19.36 19.39 -6.74
N ASN A 277 -20.46 18.88 -7.29
CA ASN A 277 -21.69 19.69 -7.34
C ASN A 277 -22.41 19.85 -5.98
N THR A 278 -21.92 19.16 -4.93
CA THR A 278 -22.42 19.34 -3.56
C THR A 278 -21.82 20.59 -2.87
N LEU A 279 -20.80 21.22 -3.46
CA LEU A 279 -20.07 22.34 -2.85
C LEU A 279 -19.98 23.54 -3.81
N PRO A 280 -19.89 24.77 -3.25
CA PRO A 280 -19.66 25.96 -4.07
C PRO A 280 -18.18 26.35 -4.29
N HIS A 281 -17.23 25.57 -3.75
CA HIS A 281 -15.81 25.87 -3.88
C HIS A 281 -15.01 24.57 -4.13
N PRO A 282 -13.75 24.69 -4.54
CA PRO A 282 -12.95 23.49 -4.72
C PRO A 282 -12.73 22.76 -3.40
N ILE A 283 -12.35 21.48 -3.43
CA ILE A 283 -12.15 20.79 -2.20
C ILE A 283 -10.94 21.31 -1.40
N ALA A 284 -10.02 21.97 -2.09
CA ALA A 284 -8.92 22.65 -1.40
C ALA A 284 -9.36 23.62 -0.30
N GLU A 285 -10.60 24.12 -0.35
CA GLU A 285 -11.12 24.98 0.69
C GLU A 285 -12.00 24.26 1.74
N VAL A 286 -12.11 22.94 1.70
CA VAL A 286 -12.85 22.21 2.74
C VAL A 286 -11.90 22.14 3.97
N PRO A 287 -12.41 22.45 5.19
CA PRO A 287 -11.47 22.55 6.32
C PRO A 287 -10.60 21.32 6.54
N HIS A 288 -11.13 20.11 6.52
CA HIS A 288 -10.28 18.91 6.83
C HIS A 288 -9.26 18.64 5.71
N VAL A 289 -9.57 19.06 4.48
CA VAL A 289 -8.61 19.01 3.37
C VAL A 289 -7.45 20.00 3.54
N GLU A 290 -7.76 21.22 3.97
CA GLU A 290 -6.71 22.21 4.28
C GLU A 290 -5.77 21.69 5.33
N GLN A 291 -6.34 21.06 6.35
CA GLN A 291 -5.50 20.52 7.41
C GLN A 291 -4.59 19.44 6.88
N LYS A 292 -5.12 18.54 6.06
CA LYS A 292 -4.31 17.44 5.49
C LYS A 292 -3.22 17.98 4.57
N LEU A 293 -3.57 18.94 3.72
CA LEU A 293 -2.55 19.56 2.84
C LEU A 293 -1.42 20.26 3.67
N GLY A 294 -1.83 20.97 4.72
CA GLY A 294 -0.88 21.67 5.61
C GLY A 294 0.03 20.68 6.33
N GLU A 295 -0.54 19.58 6.80
CA GLU A 295 0.27 18.53 7.44
C GLU A 295 1.29 17.90 6.50
N MET A 296 0.88 17.56 5.28
CA MET A 296 1.81 17.16 4.22
C MET A 296 2.93 18.17 4.06
N GLU A 297 2.59 19.45 3.98
CA GLU A 297 3.65 20.45 3.78
C GLU A 297 4.65 20.40 4.93
N LEU A 298 4.14 20.28 6.16
CA LEU A 298 5.03 20.36 7.32
C LEU A 298 5.96 19.12 7.35
N LYS A 299 5.41 17.94 7.11
CA LYS A 299 6.24 16.65 7.12
C LYS A 299 7.34 16.75 6.07
N LEU A 300 6.98 17.27 4.89
CA LEU A 300 7.99 17.47 3.83
C LEU A 300 9.04 18.52 4.21
N LEU A 301 8.61 19.65 4.74
CA LEU A 301 9.51 20.70 5.12
C LEU A 301 10.52 20.19 6.12
N ALA A 302 10.05 19.50 7.15
CA ALA A 302 10.95 19.01 8.21
C ALA A 302 11.93 17.97 7.65
N ALA A 303 11.40 17.01 6.90
CA ALA A 303 12.28 15.88 6.40
C ALA A 303 13.27 16.36 5.35
N ARG A 304 12.82 17.21 4.39
CA ARG A 304 13.74 17.71 3.36
C ARG A 304 14.80 18.66 3.96
N THR A 305 14.41 19.50 4.92
CA THR A 305 15.36 20.43 5.53
C THR A 305 16.47 19.63 6.20
N LEU A 306 16.15 18.57 6.89
CA LEU A 306 17.18 17.83 7.58
C LEU A 306 18.07 17.10 6.54
N LEU A 307 17.45 16.53 5.50
CA LEU A 307 18.19 15.80 4.49
C LEU A 307 19.29 16.68 3.91
N TYR A 308 18.91 17.84 3.41
CA TYR A 308 19.85 18.74 2.77
C TYR A 308 20.86 19.35 3.73
N ASP A 309 20.46 19.62 4.99
CA ASP A 309 21.39 20.12 6.02
C ASP A 309 22.54 19.11 6.24
N LEU A 310 22.20 17.82 6.34
CA LEU A 310 23.21 16.78 6.54
C LEU A 310 24.09 16.56 5.32
N ALA A 311 23.50 16.73 4.14
CA ALA A 311 24.25 16.65 2.88
C ALA A 311 25.22 17.79 2.81
N ARG A 312 24.79 19.01 3.15
CA ARG A 312 25.76 20.13 3.14
C ARG A 312 26.87 19.90 4.19
N ARG A 313 26.51 19.43 5.38
CA ARG A 313 27.53 19.15 6.40
C ARG A 313 28.52 18.10 5.93
N PHE A 314 28.01 17.06 5.25
CA PHE A 314 28.87 16.04 4.62
C PHE A 314 29.87 16.67 3.68
N ASP A 315 29.38 17.50 2.79
CA ASP A 315 30.22 18.14 1.78
C ASP A 315 31.34 18.97 2.40
N ALA A 316 31.06 19.63 3.50
CA ALA A 316 32.03 20.47 4.14
C ALA A 316 32.95 19.70 5.09
N ALA A 317 32.66 18.45 5.41
CA ALA A 317 33.31 17.80 6.58
C ALA A 317 34.56 17.03 6.19
N SER A 318 35.51 16.92 7.11
CA SER A 318 36.66 16.04 6.95
C SER A 318 36.20 14.60 7.10
N PRO A 319 37.06 13.63 6.79
CA PRO A 319 36.67 12.23 6.95
C PRO A 319 36.28 11.85 8.38
N GLU A 320 37.03 12.34 9.33
CA GLU A 320 36.77 12.08 10.73
C GLU A 320 35.39 12.61 11.16
N GLU A 321 35.03 13.79 10.65
CA GLU A 321 33.73 14.39 10.98
C GLU A 321 32.64 13.63 10.28
N ARG A 322 32.92 13.14 9.06
CA ARG A 322 31.91 12.39 8.34
C ARG A 322 31.55 11.13 9.10
N VAL A 323 32.53 10.44 9.64
CA VAL A 323 32.25 9.27 10.43
C VAL A 323 31.32 9.58 11.61
N LYS A 324 31.57 10.71 12.27
CA LYS A 324 30.75 11.13 13.41
C LYS A 324 29.33 11.54 13.02
N LEU A 325 29.11 11.90 11.76
CA LEU A 325 27.75 12.18 11.30
C LEU A 325 26.86 10.95 11.09
N GLN A 326 27.43 9.75 11.15
CA GLN A 326 26.61 8.58 10.79
C GLN A 326 25.27 8.44 11.51
N PRO A 327 25.20 8.69 12.86
CA PRO A 327 23.94 8.56 13.55
C PRO A 327 22.88 9.50 13.02
N GLN A 328 23.30 10.70 12.67
CA GLN A 328 22.37 11.66 12.03
C GLN A 328 22.00 11.27 10.60
N PHE A 329 22.95 10.72 9.84
CA PHE A 329 22.58 10.12 8.56
C PHE A 329 21.49 9.04 8.67
N GLY A 330 21.58 8.21 9.69
CA GLY A 330 20.52 7.24 9.95
C GLY A 330 19.21 7.92 10.31
N ALA A 331 19.29 8.94 11.15
CA ALA A 331 18.09 9.69 11.55
C ALA A 331 17.35 10.21 10.35
N VAL A 332 18.07 10.80 9.38
CA VAL A 332 17.48 11.32 8.15
C VAL A 332 16.72 10.22 7.42
N LYS A 333 17.35 9.06 7.30
CA LYS A 333 16.71 7.94 6.62
C LYS A 333 15.35 7.56 7.25
N THR A 334 15.34 7.39 8.57
CA THR A 334 14.13 7.05 9.30
C THR A 334 13.07 8.18 9.11
N LEU A 335 13.47 9.43 9.32
CA LEU A 335 12.50 10.56 9.23
C LEU A 335 11.93 10.67 7.82
N ALA A 336 12.80 10.65 6.80
CA ALA A 336 12.34 10.81 5.44
C ALA A 336 11.44 9.69 4.94
N THR A 337 11.81 8.46 5.20
CA THR A 337 11.05 7.31 4.68
C THR A 337 9.73 7.19 5.40
N ASN A 338 9.72 7.41 6.73
CA ASN A 338 8.43 7.53 7.49
C ASN A 338 7.56 8.69 7.02
N ALA A 339 8.16 9.88 6.88
CA ALA A 339 7.44 11.05 6.40
C ALA A 339 6.89 10.78 5.02
N ALA A 340 7.67 10.15 4.17
CA ALA A 340 7.17 9.91 2.80
C ALA A 340 5.94 8.98 2.74
N ASN A 341 5.92 7.96 3.59
CA ASN A 341 4.76 7.08 3.68
C ASN A 341 3.54 7.79 4.23
N GLN A 342 3.78 8.69 5.21
CA GLN A 342 2.69 9.45 5.79
C GLN A 342 2.15 10.44 4.82
N VAL A 343 3.02 11.07 4.03
CA VAL A 343 2.59 12.06 3.07
C VAL A 343 1.69 11.42 2.01
N VAL A 344 2.10 10.24 1.53
CA VAL A 344 1.29 9.51 0.54
C VAL A 344 -0.06 9.11 1.09
N ASP A 345 -0.10 8.68 2.36
CA ASP A 345 -1.36 8.42 3.04
C ASP A 345 -2.32 9.63 3.03
N LEU A 346 -1.79 10.79 3.44
CA LEU A 346 -2.57 12.01 3.48
C LEU A 346 -3.03 12.40 2.09
N ALA A 347 -2.15 12.27 1.09
CA ALA A 347 -2.50 12.62 -0.32
C ALA A 347 -3.71 11.80 -0.82
N MET A 348 -3.67 10.50 -0.52
CA MET A 348 -4.79 9.60 -0.82
C MET A 348 -6.06 10.00 -0.06
N ARG A 349 -5.95 10.39 1.23
CA ARG A 349 -7.16 10.82 1.94
C ARG A 349 -7.73 12.12 1.37
N VAL A 350 -6.89 13.00 0.90
CA VAL A 350 -7.34 14.24 0.24
C VAL A 350 -8.14 13.90 -1.02
N VAL A 351 -7.61 13.00 -1.85
CA VAL A 351 -8.22 12.67 -3.12
C VAL A 351 -9.47 11.82 -2.91
N GLY A 352 -9.46 10.94 -1.91
CA GLY A 352 -10.62 10.13 -1.55
C GLY A 352 -10.60 8.80 -2.31
N GLY A 353 -11.80 8.25 -2.53
CA GLY A 353 -12.01 6.96 -3.17
C GLY A 353 -11.34 6.75 -4.53
N ARG A 354 -11.25 7.82 -5.34
CA ARG A 354 -10.56 7.75 -6.65
C ARG A 354 -9.07 7.40 -6.50
N SER A 355 -8.48 7.67 -5.34
CA SER A 355 -7.08 7.31 -5.06
C SER A 355 -6.77 5.79 -5.18
N LEU A 356 -7.78 4.97 -5.02
CA LEU A 356 -7.64 3.54 -5.21
C LEU A 356 -7.53 3.10 -6.69
N SER A 357 -7.88 4.01 -7.63
CA SER A 357 -7.95 3.63 -9.05
C SER A 357 -6.59 3.61 -9.69
N ARG A 358 -6.29 2.56 -10.43
CA ARG A 358 -5.05 2.53 -11.20
C ARG A 358 -5.06 3.55 -12.37
N ALA A 359 -6.17 4.23 -12.63
CA ALA A 359 -6.15 5.38 -13.57
C ALA A 359 -5.32 6.58 -13.08
N LEU A 360 -5.15 6.70 -11.75
CA LEU A 360 -4.38 7.76 -11.11
C LEU A 360 -3.07 7.14 -10.61
N PRO A 361 -2.01 7.95 -10.44
CA PRO A 361 -0.73 7.47 -10.06
C PRO A 361 -0.56 7.26 -8.56
N LEU A 362 -1.52 7.72 -7.74
CA LEU A 362 -1.35 7.72 -6.30
C LEU A 362 -1.19 6.33 -5.74
N GLU A 363 -1.93 5.36 -6.27
CA GLU A 363 -1.80 4.01 -5.81
C GLU A 363 -0.41 3.43 -6.10
N ARG A 364 0.18 3.77 -7.25
CA ARG A 364 1.56 3.40 -7.51
C ARG A 364 2.53 4.03 -6.51
N TYR A 365 2.34 5.29 -6.21
CA TYR A 365 3.17 5.94 -5.16
C TYR A 365 3.06 5.26 -3.79
N TYR A 366 1.84 4.83 -3.43
CA TYR A 366 1.59 4.14 -2.15
C TYR A 366 2.32 2.83 -2.09
N ARG A 367 2.31 2.11 -3.21
CA ARG A 367 3.12 0.87 -3.30
C ARG A 367 4.63 1.13 -3.28
N ASP A 368 5.10 2.08 -4.11
CA ASP A 368 6.55 2.35 -4.26
C ASP A 368 7.18 2.84 -2.93
N VAL A 369 6.51 3.75 -2.27
CA VAL A 369 7.05 4.37 -1.07
C VAL A 369 7.27 3.45 0.06
N ARG A 370 6.53 2.35 0.09
CA ARG A 370 6.63 1.42 1.18
C ARG A 370 8.01 0.78 1.38
N ALA A 371 8.76 0.55 0.31
CA ALA A 371 10.03 -0.11 0.40
C ALA A 371 11.06 0.68 1.20
N GLY A 372 10.92 2.00 1.29
CA GLY A 372 11.88 2.76 2.09
C GLY A 372 12.00 2.29 3.54
N LEU A 373 10.88 1.85 4.11
CA LEU A 373 10.85 1.42 5.50
C LEU A 373 11.65 0.14 5.72
N HIS A 374 11.80 -0.68 4.69
CA HIS A 374 12.44 -1.99 4.82
C HIS A 374 13.88 -2.04 4.28
N ASN A 375 14.36 -0.97 3.63
CA ASN A 375 15.81 -0.73 3.40
C ASN A 375 16.52 -0.58 4.76
N PRO A 376 17.67 -1.26 4.98
CA PRO A 376 18.45 -0.89 6.15
C PRO A 376 18.96 0.57 6.07
N PRO A 377 19.23 1.24 7.20
CA PRO A 377 19.06 0.70 8.55
C PRO A 377 17.61 0.73 8.96
N MET A 378 17.16 -0.32 9.64
CA MET A 378 15.76 -0.32 10.13
C MET A 378 15.58 0.78 11.21
N ASP A 379 14.36 1.26 11.38
CA ASP A 379 14.07 2.28 12.39
C ASP A 379 14.60 1.89 13.77
N ASP A 380 14.44 0.64 14.22
CA ASP A 380 14.91 0.29 15.56
C ASP A 380 16.42 0.45 15.72
N VAL A 381 17.17 0.17 14.66
CA VAL A 381 18.60 0.35 14.63
C VAL A 381 18.99 1.85 14.65
N VAL A 382 18.30 2.64 13.88
CA VAL A 382 18.54 4.09 13.86
C VAL A 382 18.30 4.67 15.24
N TYR A 383 17.21 4.31 15.90
CA TYR A 383 16.94 4.86 17.21
C TYR A 383 17.99 4.42 18.23
N ARG A 384 18.33 3.15 18.23
CA ARG A 384 19.35 2.67 19.12
C ARG A 384 20.69 3.43 18.91
N ASN A 385 21.07 3.62 17.66
CA ASN A 385 22.32 4.33 17.36
C ASN A 385 22.28 5.82 17.80
N LEU A 386 21.14 6.46 17.68
CA LEU A 386 20.96 7.83 18.22
C LEU A 386 21.13 7.88 19.71
N ALA A 387 20.55 6.90 20.41
CA ALA A 387 20.69 6.81 21.82
C ALA A 387 22.14 6.60 22.20
N LYS A 388 22.82 5.71 21.51
CA LYS A 388 24.24 5.45 21.86
C LYS A 388 25.11 6.69 21.58
N ALA A 389 24.86 7.42 20.49
CA ALA A 389 25.59 8.66 20.21
C ALA A 389 25.32 9.69 21.30
N ALA A 390 24.07 9.80 21.75
CA ALA A 390 23.76 10.73 22.84
C ALA A 390 24.55 10.41 24.13
N LEU A 391 24.63 9.12 24.44
CA LEU A 391 25.38 8.65 25.61
C LEU A 391 26.89 8.89 25.43
N ALA A 392 27.42 8.67 24.22
CA ALA A 392 28.83 8.97 23.94
C ALA A 392 29.12 10.48 24.09
N ARG A 393 28.25 11.34 23.54
CA ARG A 393 28.43 12.79 23.70
C ARG A 393 28.41 13.22 25.18
N ARG A 394 27.48 12.71 25.98
CA ARG A 394 27.47 12.98 27.40
C ARG A 394 28.80 12.56 28.08
N ALA A 395 29.28 11.35 27.79
CA ALA A 395 30.51 10.84 28.38
C ALA A 395 31.73 11.72 28.00
N ALA A 396 31.86 12.09 26.72
CA ALA A 396 32.93 12.99 26.26
C ALA A 396 32.89 14.39 26.89
N GLY A 397 31.70 14.92 27.14
CA GLY A 397 31.57 16.22 27.82
C GLY A 397 32.32 16.49 29.13
N GLN A 398 32.69 15.44 29.88
CA GLN A 398 33.21 15.56 31.29
C GLN A 398 34.64 15.04 31.44
N SER B 1 -19.77 -12.09 23.64
CA SER B 1 -20.67 -13.20 24.10
C SER B 1 -20.30 -14.50 23.33
N ASN B 2 -20.51 -14.47 22.00
CA ASN B 2 -20.04 -15.54 21.07
C ASN B 2 -18.69 -15.16 20.39
N ALA B 3 -18.60 -13.91 19.94
CA ALA B 3 -17.48 -13.47 19.15
C ALA B 3 -16.18 -13.45 19.96
N MET B 4 -15.09 -13.43 19.22
CA MET B 4 -13.74 -13.41 19.78
C MET B 4 -13.36 -14.66 20.55
N TYR B 5 -14.01 -15.77 20.17
CA TYR B 5 -13.64 -17.12 20.58
C TYR B 5 -12.14 -17.42 20.34
N ASP B 6 -11.48 -16.81 19.36
CA ASP B 6 -10.02 -16.97 19.16
C ASP B 6 -9.18 -16.47 20.34
N ILE B 7 -9.70 -15.40 20.99
CA ILE B 7 -9.11 -14.90 22.24
C ILE B 7 -9.65 -15.62 23.47
N TYR B 8 -10.97 -15.76 23.58
CA TYR B 8 -11.60 -16.19 24.85
C TYR B 8 -11.99 -17.70 25.00
N GLY B 9 -11.83 -18.50 23.94
CA GLY B 9 -12.16 -19.94 23.96
C GLY B 9 -13.43 -20.27 23.17
N GLU B 10 -13.42 -21.43 22.49
CA GLU B 10 -14.58 -21.91 21.71
C GLU B 10 -15.55 -22.77 22.55
N ALA B 11 -15.07 -23.32 23.67
CA ALA B 11 -15.88 -24.18 24.55
C ALA B 11 -17.26 -23.58 24.90
N ALA B 12 -17.33 -22.27 25.09
CA ALA B 12 -18.57 -21.57 25.47
C ALA B 12 -19.58 -21.41 24.32
N LEU B 13 -19.17 -21.67 23.07
CA LEU B 13 -20.04 -21.40 21.91
C LEU B 13 -21.12 -22.48 21.80
N PRO B 14 -22.35 -22.08 21.47
CA PRO B 14 -23.38 -23.11 21.31
C PRO B 14 -23.04 -24.00 20.08
N ALA B 15 -23.55 -25.24 20.09
CA ALA B 15 -23.22 -26.26 19.08
C ALA B 15 -23.60 -25.78 17.67
N ASP B 16 -24.73 -25.09 17.51
CA ASP B 16 -25.09 -24.59 16.15
C ASP B 16 -24.14 -23.55 15.54
N VAL B 17 -23.68 -22.61 16.38
CA VAL B 17 -22.69 -21.63 15.95
C VAL B 17 -21.34 -22.27 15.67
N ARG B 18 -20.89 -23.21 16.52
CA ARG B 18 -19.65 -23.93 16.27
C ARG B 18 -19.72 -24.63 14.89
N GLU B 19 -20.85 -25.27 14.58
CA GLU B 19 -20.97 -25.95 13.31
C GLU B 19 -20.88 -24.97 12.17
N ARG B 20 -21.56 -23.83 12.31
CA ARG B 20 -21.52 -22.84 11.25
C ARG B 20 -20.12 -22.24 11.05
N LEU B 21 -19.39 -22.07 12.15
CA LEU B 21 -17.98 -21.64 12.11
C LEU B 21 -17.09 -22.66 11.42
N ARG B 22 -17.33 -23.96 11.61
CA ARG B 22 -16.63 -25.00 10.83
C ARG B 22 -16.88 -24.83 9.34
N ILE B 23 -18.12 -24.52 8.96
CA ILE B 23 -18.44 -24.31 7.53
C ILE B 23 -17.72 -23.09 6.96
N THR B 24 -17.74 -21.98 7.65
CA THR B 24 -17.12 -20.74 7.11
C THR B 24 -15.60 -20.78 7.18
N ARG B 25 -15.03 -21.43 8.19
CA ARG B 25 -13.59 -21.66 8.25
C ARG B 25 -13.13 -22.48 7.04
N ASP B 26 -13.89 -23.54 6.72
CA ASP B 26 -13.67 -24.35 5.48
C ASP B 26 -13.71 -23.51 4.20
N LEU B 27 -14.76 -22.71 4.02
CA LEU B 27 -14.82 -21.76 2.91
C LEU B 27 -13.60 -20.80 2.85
N ALA B 28 -13.28 -20.17 3.98
CA ALA B 28 -12.15 -19.27 4.07
C ALA B 28 -10.84 -19.90 3.63
N GLN B 29 -10.62 -21.13 4.03
CA GLN B 29 -9.40 -21.84 3.61
C GLN B 29 -9.32 -22.00 2.09
N ALA B 30 -10.42 -22.40 1.47
CA ALA B 30 -10.45 -22.47 0.03
C ALA B 30 -10.24 -21.08 -0.64
N PHE B 31 -10.84 -20.04 -0.10
CA PHE B 31 -10.67 -18.70 -0.68
C PHE B 31 -9.21 -18.22 -0.62
N HIS B 32 -8.56 -18.55 0.49
CA HIS B 32 -7.14 -18.28 0.73
C HIS B 32 -6.31 -18.91 -0.34
N GLU B 33 -6.55 -20.18 -0.60
CA GLU B 33 -5.76 -20.90 -1.58
C GLU B 33 -5.92 -20.32 -3.00
N ARG B 34 -7.12 -19.87 -3.32
CA ARG B 34 -7.44 -19.26 -4.61
C ARG B 34 -7.07 -17.78 -4.73
N ALA B 35 -6.81 -17.09 -3.61
CA ALA B 35 -6.78 -15.61 -3.64
C ALA B 35 -5.62 -15.04 -4.49
N PRO B 36 -4.44 -15.65 -4.44
CA PRO B 36 -3.34 -15.05 -5.21
C PRO B 36 -3.62 -14.90 -6.73
N GLU B 37 -4.19 -15.92 -7.38
CA GLU B 37 -4.43 -15.88 -8.83
C GLU B 37 -5.55 -14.92 -9.18
N HIS B 38 -6.57 -14.86 -8.34
CA HIS B 38 -7.64 -13.90 -8.56
C HIS B 38 -7.15 -12.45 -8.42
N ASP B 39 -6.31 -12.20 -7.43
CA ASP B 39 -5.71 -10.87 -7.27
C ASP B 39 -4.82 -10.51 -8.46
N ARG B 40 -3.98 -11.44 -8.89
CA ARG B 40 -3.07 -11.18 -9.97
C ARG B 40 -3.88 -10.90 -11.25
N ALA B 41 -4.88 -11.71 -11.54
CA ALA B 41 -5.65 -11.52 -12.77
C ALA B 41 -6.71 -10.41 -12.65
N GLY B 42 -7.14 -10.11 -11.43
CA GLY B 42 -8.26 -9.20 -11.22
C GLY B 42 -9.58 -9.74 -11.75
N ASP B 43 -9.74 -11.06 -11.76
CA ASP B 43 -10.90 -11.77 -12.40
C ASP B 43 -11.88 -12.25 -11.30
N PHE B 44 -13.17 -12.16 -11.60
CA PHE B 44 -14.20 -12.37 -10.66
C PHE B 44 -14.19 -13.82 -10.10
N PRO B 45 -14.23 -13.99 -8.79
CA PRO B 45 -14.13 -15.33 -8.19
C PRO B 45 -15.47 -16.13 -8.24
N PHE B 46 -15.90 -16.54 -9.43
CA PHE B 46 -17.16 -17.25 -9.57
C PHE B 46 -17.21 -18.53 -8.76
N GLU B 47 -16.10 -19.25 -8.69
CA GLU B 47 -16.09 -20.49 -7.93
C GLU B 47 -16.31 -20.30 -6.43
N ASN B 48 -15.75 -19.23 -5.86
CA ASN B 48 -16.01 -18.89 -4.50
C ASN B 48 -17.49 -18.63 -4.27
N ILE B 49 -18.12 -17.84 -5.13
CA ILE B 49 -19.56 -17.59 -5.03
C ILE B 49 -20.35 -18.88 -5.12
N GLU B 50 -20.03 -19.77 -6.07
CA GLU B 50 -20.68 -21.05 -6.08
C GLU B 50 -20.51 -21.84 -4.78
N ASP B 51 -19.31 -21.84 -4.18
CA ASP B 51 -19.11 -22.50 -2.88
C ASP B 51 -19.98 -21.89 -1.77
N LEU B 52 -20.10 -20.57 -1.74
CA LEU B 52 -21.01 -19.90 -0.79
C LEU B 52 -22.49 -20.32 -0.98
N LYS B 53 -22.94 -20.39 -2.23
CA LYS B 53 -24.30 -20.87 -2.51
C LYS B 53 -24.48 -22.32 -2.06
N ALA B 54 -23.53 -23.17 -2.41
CA ALA B 54 -23.64 -24.62 -2.11
C ALA B 54 -23.66 -24.84 -0.62
N SER B 55 -22.90 -24.06 0.15
CA SER B 55 -22.83 -24.24 1.58
C SER B 55 -24.11 -23.82 2.29
N GLY B 56 -24.92 -22.99 1.64
CA GLY B 56 -26.10 -22.43 2.27
C GLY B 56 -25.87 -21.06 2.92
N TYR B 57 -24.63 -20.59 2.99
CA TYR B 57 -24.30 -19.32 3.58
C TYR B 57 -25.19 -18.16 3.11
N VAL B 58 -25.52 -18.16 1.81
CA VAL B 58 -26.19 -17.02 1.21
C VAL B 58 -27.61 -16.82 1.70
N ARG B 59 -28.17 -17.81 2.40
CA ARG B 59 -29.51 -17.66 2.96
C ARG B 59 -29.53 -17.59 4.47
N TRP B 60 -28.37 -17.48 5.12
CA TRP B 60 -28.32 -17.50 6.57
C TRP B 60 -29.02 -16.28 7.22
N THR B 61 -29.06 -15.11 6.54
CA THR B 61 -29.80 -13.97 7.07
C THR B 61 -31.26 -13.84 6.65
N VAL B 62 -31.72 -14.66 5.70
CA VAL B 62 -33.13 -14.71 5.35
C VAL B 62 -33.92 -15.20 6.56
N PRO B 63 -35.10 -14.66 6.81
CA PRO B 63 -35.82 -15.11 8.03
C PRO B 63 -36.16 -16.61 8.04
N VAL B 64 -36.30 -17.15 9.25
CA VAL B 64 -36.66 -18.57 9.38
C VAL B 64 -37.93 -18.94 8.66
N GLU B 65 -38.94 -18.08 8.71
CA GLU B 65 -40.22 -18.40 8.08
C GLU B 65 -40.13 -18.60 6.53
N TYR B 66 -39.15 -17.97 5.89
CA TYR B 66 -38.92 -18.16 4.47
C TYR B 66 -37.79 -19.15 4.15
N GLY B 67 -37.31 -19.89 5.16
CA GLY B 67 -36.35 -20.98 4.91
C GLY B 67 -34.89 -20.62 5.11
N GLY B 68 -34.66 -19.45 5.74
CA GLY B 68 -33.32 -19.08 6.13
C GLY B 68 -33.04 -19.46 7.56
N LEU B 69 -31.98 -18.88 8.12
CA LEU B 69 -31.62 -19.14 9.51
C LEU B 69 -31.84 -17.95 10.42
N GLY B 70 -32.28 -16.81 9.88
CA GLY B 70 -32.49 -15.59 10.67
C GLY B 70 -31.31 -15.14 11.53
N LEU B 71 -30.08 -15.27 11.03
CA LEU B 71 -28.89 -15.04 11.84
C LEU B 71 -28.84 -13.63 12.37
N SER B 72 -28.33 -13.51 13.58
CA SER B 72 -28.09 -12.24 14.23
C SER B 72 -27.01 -11.42 13.50
N LEU B 73 -27.04 -10.10 13.65
CA LEU B 73 -25.96 -9.29 13.11
C LEU B 73 -24.60 -9.67 13.74
N GLU B 74 -24.59 -9.94 15.03
CA GLU B 74 -23.36 -10.35 15.72
C GLU B 74 -22.75 -11.57 15.01
N GLU B 75 -23.57 -12.58 14.78
CA GLU B 75 -23.04 -13.80 14.14
C GLU B 75 -22.67 -13.57 12.65
N MET B 76 -23.46 -12.83 11.92
CA MET B 76 -23.11 -12.51 10.58
C MET B 76 -21.72 -11.86 10.55
N LEU B 77 -21.47 -10.94 11.47
CA LEU B 77 -20.13 -10.30 11.51
C LEU B 77 -19.03 -11.29 11.79
N MET B 78 -19.26 -12.24 12.72
CA MET B 78 -18.28 -13.26 13.01
C MET B 78 -17.90 -14.03 11.75
N HIS B 79 -18.89 -14.40 10.93
CA HIS B 79 -18.59 -15.15 9.73
C HIS B 79 -17.92 -14.31 8.66
N GLN B 80 -18.36 -13.05 8.53
CA GLN B 80 -17.71 -12.15 7.58
C GLN B 80 -16.24 -11.94 7.89
N GLU B 81 -15.93 -11.83 9.18
CA GLU B 81 -14.57 -11.73 9.64
C GLU B 81 -13.79 -12.98 9.29
N VAL B 82 -14.38 -14.14 9.49
CA VAL B 82 -13.74 -15.42 9.16
C VAL B 82 -13.46 -15.50 7.64
N LEU B 83 -14.47 -15.16 6.86
CA LEU B 83 -14.35 -15.27 5.37
C LEU B 83 -13.29 -14.29 4.86
N ALA B 84 -13.28 -13.07 5.38
CA ALA B 84 -12.36 -12.02 4.97
C ALA B 84 -10.90 -12.38 5.26
N LYS B 85 -10.63 -13.19 6.27
CA LYS B 85 -9.28 -13.61 6.53
C LYS B 85 -8.79 -14.45 5.40
N GLY B 86 -9.69 -15.25 4.81
CA GLY B 86 -9.37 -15.98 3.63
C GLY B 86 -9.19 -15.15 2.37
N ASP B 87 -10.15 -14.26 2.09
CA ASP B 87 -10.06 -13.38 0.97
C ASP B 87 -10.98 -12.17 1.20
N GLY B 88 -10.37 -11.00 1.32
CA GLY B 88 -11.11 -9.78 1.53
C GLY B 88 -12.13 -9.47 0.48
N SER B 89 -11.76 -9.61 -0.80
CA SER B 89 -12.64 -9.29 -1.90
C SER B 89 -13.93 -10.10 -1.87
N THR B 90 -13.78 -11.40 -1.79
CA THR B 90 -14.96 -12.30 -1.78
C THR B 90 -15.87 -12.01 -0.57
N ALA B 91 -15.27 -11.85 0.60
CA ALA B 91 -16.02 -11.60 1.82
C ALA B 91 -16.78 -10.31 1.73
N LEU B 92 -16.11 -9.28 1.29
CA LEU B 92 -16.78 -7.99 1.20
C LEU B 92 -17.94 -8.07 0.20
N ALA B 93 -17.70 -8.65 -0.97
CA ALA B 93 -18.75 -8.81 -1.98
C ALA B 93 -19.99 -9.60 -1.48
N ILE B 94 -19.79 -10.74 -0.85
CA ILE B 94 -20.96 -11.48 -0.34
C ILE B 94 -21.57 -10.80 0.89
N GLY B 95 -20.76 -10.00 1.60
CA GLY B 95 -21.22 -9.23 2.75
C GLY B 95 -22.36 -8.32 2.35
N TRP B 96 -22.26 -7.72 1.17
CA TRP B 96 -23.30 -6.84 0.69
C TRP B 96 -24.62 -7.59 0.56
N HIS B 97 -24.54 -8.83 0.08
CA HIS B 97 -25.75 -9.66 -0.13
C HIS B 97 -26.36 -10.09 1.22
N VAL B 98 -25.59 -10.72 2.11
CA VAL B 98 -26.14 -11.18 3.36
C VAL B 98 -26.58 -10.00 4.24
N GLY B 99 -25.84 -8.92 4.15
CA GLY B 99 -26.12 -7.74 4.91
C GLY B 99 -27.39 -7.06 4.43
N ILE B 100 -27.55 -6.90 3.12
CA ILE B 100 -28.76 -6.23 2.60
C ILE B 100 -30.00 -7.02 2.98
N LEU B 101 -29.87 -8.34 3.01
CA LEU B 101 -30.99 -9.18 3.38
C LEU B 101 -31.30 -9.01 4.88
N LEU B 102 -30.28 -8.84 5.71
CA LEU B 102 -30.52 -8.55 7.11
C LEU B 102 -31.20 -7.18 7.28
N HIS B 103 -30.74 -6.20 6.51
CA HIS B 103 -31.38 -4.87 6.46
C HIS B 103 -32.86 -4.96 6.14
N LEU B 104 -33.18 -5.67 5.08
CA LEU B 104 -34.60 -5.78 4.62
C LEU B 104 -35.50 -6.50 5.63
N ARG B 105 -34.94 -7.54 6.23
CA ARG B 105 -35.61 -8.28 7.30
C ARG B 105 -35.91 -7.41 8.52
N GLU B 106 -34.95 -6.55 8.93
CA GLU B 106 -35.09 -5.73 10.11
C GLU B 106 -35.90 -4.47 9.89
N THR B 107 -36.08 -4.05 8.63
CA THR B 107 -36.77 -2.79 8.36
C THR B 107 -38.15 -2.93 7.73
N GLY B 108 -38.45 -4.07 7.11
CA GLY B 108 -39.60 -4.19 6.20
C GLY B 108 -39.64 -3.12 5.11
N ALA B 109 -38.46 -2.69 4.62
CA ALA B 109 -38.38 -1.72 3.52
C ALA B 109 -39.08 -2.25 2.24
N PHE B 110 -39.05 -3.57 2.01
CA PHE B 110 -39.81 -4.15 0.88
C PHE B 110 -41.28 -4.39 1.22
N PRO B 111 -42.20 -4.16 0.24
CA PRO B 111 -43.55 -4.74 0.37
C PRO B 111 -43.48 -6.23 0.67
N ASP B 112 -44.45 -6.75 1.43
CA ASP B 112 -44.38 -8.12 1.97
C ASP B 112 -44.22 -9.14 0.87
N GLU B 113 -45.03 -9.00 -0.17
CA GLU B 113 -45.04 -9.95 -1.23
C GLU B 113 -43.71 -9.96 -1.96
N LEU B 114 -43.13 -8.78 -2.19
CA LEU B 114 -41.85 -8.67 -2.86
C LEU B 114 -40.70 -9.32 -2.05
N PHE B 115 -40.69 -9.10 -0.74
CA PHE B 115 -39.70 -9.68 0.12
C PHE B 115 -39.78 -11.22 0.10
N ARG B 116 -41.01 -11.75 0.16
CA ARG B 116 -41.24 -13.17 0.09
C ARG B 116 -40.69 -13.74 -1.24
N MET B 117 -41.02 -13.07 -2.36
CA MET B 117 -40.51 -13.49 -3.65
C MET B 117 -38.97 -13.56 -3.68
N VAL B 118 -38.32 -12.48 -3.26
CA VAL B 118 -36.86 -12.45 -3.23
C VAL B 118 -36.29 -13.54 -2.30
N CYS B 119 -36.82 -13.65 -1.07
CA CYS B 119 -36.34 -14.65 -0.11
C CYS B 119 -36.45 -16.08 -0.68
N GLU B 120 -37.57 -16.40 -1.35
CA GLU B 120 -37.71 -17.70 -1.99
C GLU B 120 -36.65 -17.94 -3.03
N SER B 121 -36.36 -16.92 -3.85
CA SER B 121 -35.32 -17.05 -4.88
C SER B 121 -33.94 -17.25 -4.24
N VAL B 122 -33.66 -16.57 -3.13
CA VAL B 122 -32.40 -16.79 -2.43
C VAL B 122 -32.33 -18.21 -1.86
N VAL B 123 -33.39 -18.63 -1.18
CA VAL B 123 -33.38 -19.94 -0.53
C VAL B 123 -33.38 -21.11 -1.52
N LYS B 124 -34.25 -21.02 -2.53
CA LYS B 124 -34.39 -22.13 -3.50
C LYS B 124 -33.37 -22.13 -4.62
N GLU B 125 -32.91 -20.97 -5.09
CA GLU B 125 -31.99 -20.92 -6.25
C GLU B 125 -30.62 -20.31 -5.94
N GLY B 126 -30.42 -19.81 -4.71
CA GLY B 126 -29.20 -19.09 -4.36
C GLY B 126 -29.04 -17.78 -5.14
N ALA B 127 -30.15 -17.15 -5.52
CA ALA B 127 -30.12 -15.82 -6.16
C ALA B 127 -29.44 -14.81 -5.24
N LEU B 128 -28.63 -13.90 -5.80
CA LEU B 128 -27.96 -12.92 -5.03
C LEU B 128 -28.55 -11.52 -5.32
N ILE B 129 -28.52 -10.64 -4.31
CA ILE B 129 -29.11 -9.30 -4.38
C ILE B 129 -28.12 -8.28 -3.83
N ASN B 130 -28.07 -7.10 -4.44
CA ASN B 130 -27.39 -5.95 -3.87
C ASN B 130 -28.11 -4.66 -4.26
N SER B 131 -27.79 -3.61 -3.54
CA SER B 131 -28.36 -2.28 -3.78
C SER B 131 -27.33 -1.44 -4.47
N CYS B 132 -27.68 -0.76 -5.55
CA CYS B 132 -26.73 0.06 -6.32
C CYS B 132 -27.32 1.45 -6.54
N ALA B 133 -26.91 2.41 -5.70
CA ALA B 133 -27.46 3.77 -5.74
C ALA B 133 -26.50 4.82 -6.34
N THR B 134 -25.19 4.72 -6.08
CA THR B 134 -24.21 5.75 -6.49
C THR B 134 -24.00 5.80 -8.01
N GLU B 135 -23.68 6.98 -8.56
CA GLU B 135 -23.56 7.19 -10.02
C GLU B 135 -22.25 7.90 -10.34
N PRO B 136 -21.80 7.91 -11.61
CA PRO B 136 -20.66 8.75 -11.95
C PRO B 136 -21.09 10.22 -12.11
N PRO B 147 -30.54 11.98 -8.13
CA PRO B 147 -30.17 10.84 -9.01
C PRO B 147 -30.40 11.12 -10.48
N GLU B 148 -29.33 11.00 -11.27
CA GLU B 148 -29.37 11.18 -12.74
C GLU B 148 -30.12 10.05 -13.46
N THR B 149 -29.99 8.82 -12.95
CA THR B 149 -30.77 7.67 -13.43
C THR B 149 -32.27 8.00 -13.35
N THR B 150 -33.00 7.63 -14.38
CA THR B 150 -34.35 8.11 -14.54
C THR B 150 -35.31 6.96 -14.77
N ALA B 151 -36.47 7.00 -14.12
CA ALA B 151 -37.58 6.09 -14.39
C ALA B 151 -38.72 6.86 -15.06
N VAL B 152 -39.29 6.31 -16.11
CA VAL B 152 -40.42 6.91 -16.80
C VAL B 152 -41.58 5.98 -16.53
N LYS B 153 -42.72 6.54 -16.16
CA LYS B 153 -43.92 5.76 -15.89
C LYS B 153 -44.48 5.31 -17.23
N VAL B 154 -44.71 4.00 -17.36
CA VAL B 154 -45.32 3.41 -18.58
C VAL B 154 -46.44 2.50 -18.16
N PRO B 155 -47.27 2.05 -19.11
CA PRO B 155 -48.26 1.07 -18.72
C PRO B 155 -47.60 -0.15 -18.11
N GLY B 156 -48.07 -0.50 -16.93
CA GLY B 156 -47.59 -1.68 -16.26
C GLY B 156 -46.44 -1.48 -15.28
N GLY B 157 -45.74 -0.34 -15.33
CA GLY B 157 -44.58 -0.14 -14.49
C GLY B 157 -43.76 1.07 -14.88
N TYR B 158 -42.44 0.86 -15.03
CA TYR B 158 -41.50 1.95 -15.30
C TYR B 158 -40.41 1.46 -16.25
N ARG B 159 -39.88 2.37 -17.08
CA ARG B 159 -38.67 2.14 -17.86
C ARG B 159 -37.53 2.95 -17.21
N ILE B 160 -36.40 2.31 -16.95
CA ILE B 160 -35.26 2.90 -16.26
C ILE B 160 -34.08 3.01 -17.21
N THR B 161 -33.51 4.23 -17.26
CA THR B 161 -32.35 4.56 -18.07
C THR B 161 -31.35 5.32 -17.16
N GLY B 162 -30.11 4.84 -17.13
CA GLY B 162 -29.10 5.47 -16.30
C GLY B 162 -27.85 4.64 -16.17
N ARG B 163 -27.07 4.94 -15.15
CA ARG B 163 -25.77 4.31 -14.93
C ARG B 163 -25.42 4.36 -13.44
N LYS B 164 -25.04 3.23 -12.88
CA LYS B 164 -24.69 3.14 -11.50
C LYS B 164 -23.23 2.70 -11.45
N THR B 165 -22.57 2.98 -10.34
CA THR B 165 -21.13 2.72 -10.20
C THR B 165 -20.88 1.87 -8.99
N PHE B 166 -19.70 1.26 -8.94
CA PHE B 166 -19.26 0.51 -7.75
C PHE B 166 -20.22 -0.60 -7.32
N SER B 167 -20.65 -1.42 -8.26
CA SER B 167 -21.52 -2.57 -7.90
C SER B 167 -20.77 -3.91 -7.78
N THR B 168 -20.19 -4.16 -6.60
CA THR B 168 -19.06 -5.13 -6.50
C THR B 168 -19.38 -6.61 -6.72
N LEU B 169 -20.61 -7.01 -6.40
CA LEU B 169 -20.99 -8.40 -6.64
C LEU B 169 -21.70 -8.59 -8.00
N SER B 170 -21.80 -7.52 -8.79
CA SER B 170 -22.70 -7.51 -9.99
C SER B 170 -22.59 -8.67 -11.01
N PRO B 171 -21.37 -9.19 -11.27
CA PRO B 171 -21.23 -10.31 -12.19
C PRO B 171 -22.00 -11.55 -11.77
N ALA B 172 -22.25 -11.69 -10.48
CA ALA B 172 -22.97 -12.85 -9.94
C ALA B 172 -24.37 -12.56 -9.46
N LEU B 173 -24.89 -11.34 -9.67
CA LEU B 173 -26.17 -10.98 -9.10
C LEU B 173 -27.32 -11.54 -9.92
N THR B 174 -28.44 -11.77 -9.25
CA THR B 174 -29.74 -11.94 -9.89
C THR B 174 -30.58 -10.68 -9.80
N TRP B 175 -30.57 -10.03 -8.61
CA TRP B 175 -31.41 -8.85 -8.37
C TRP B 175 -30.56 -7.63 -8.03
N ILE B 176 -31.01 -6.45 -8.51
CA ILE B 176 -30.36 -5.21 -8.24
C ILE B 176 -31.39 -4.17 -7.81
N MET B 177 -31.21 -3.61 -6.63
CA MET B 177 -32.09 -2.53 -6.16
C MET B 177 -31.45 -1.25 -6.70
N VAL B 178 -32.20 -0.46 -7.45
CA VAL B 178 -31.63 0.75 -8.02
C VAL B 178 -32.54 1.97 -7.75
N THR B 179 -31.92 3.09 -7.42
CA THR B 179 -32.63 4.36 -7.22
C THR B 179 -32.68 5.10 -8.52
N ALA B 180 -33.78 5.81 -8.73
CA ALA B 180 -33.95 6.58 -9.90
C ALA B 180 -34.98 7.67 -9.62
N THR B 181 -34.88 8.76 -10.36
CA THR B 181 -35.81 9.86 -10.24
C THR B 181 -36.88 9.59 -11.23
N VAL B 182 -38.12 9.70 -10.81
CA VAL B 182 -39.26 9.56 -11.68
C VAL B 182 -39.41 10.88 -12.45
N ALA B 183 -39.39 10.82 -13.80
CA ALA B 183 -39.36 12.02 -14.60
C ALA B 183 -40.73 12.66 -14.50
N ASP B 184 -40.76 13.98 -14.33
CA ASP B 184 -42.01 14.75 -14.25
C ASP B 184 -42.82 14.58 -12.94
N GLU B 185 -42.29 13.87 -11.96
CA GLU B 185 -42.75 14.07 -10.60
C GLU B 185 -41.66 14.63 -9.71
N ASP B 186 -40.41 14.52 -10.14
CA ASP B 186 -39.23 14.96 -9.38
C ASP B 186 -39.14 14.32 -7.97
N VAL B 187 -39.58 13.05 -7.86
CA VAL B 187 -39.47 12.26 -6.62
C VAL B 187 -38.57 11.04 -6.90
N VAL B 188 -37.86 10.56 -5.89
CA VAL B 188 -36.94 9.43 -6.06
C VAL B 188 -37.67 8.14 -5.74
N GLY B 189 -37.43 7.11 -6.57
CA GLY B 189 -37.93 5.76 -6.31
C GLY B 189 -36.79 4.76 -6.19
N GLN B 190 -37.13 3.58 -5.65
CA GLN B 190 -36.26 2.41 -5.70
C GLN B 190 -36.98 1.22 -6.36
N PHE B 191 -36.25 0.53 -7.23
CA PHE B 191 -36.84 -0.44 -8.16
C PHE B 191 -36.01 -1.73 -8.16
N LEU B 192 -36.67 -2.87 -8.18
CA LEU B 192 -35.95 -4.14 -8.20
C LEU B 192 -35.79 -4.55 -9.66
N VAL B 193 -34.56 -4.43 -10.14
CA VAL B 193 -34.18 -4.73 -11.52
C VAL B 193 -33.53 -6.13 -11.59
N ARG B 194 -33.77 -6.87 -12.66
CA ARG B 194 -33.08 -8.15 -12.91
C ARG B 194 -31.71 -7.85 -13.51
N LYS B 195 -30.67 -8.47 -12.98
CA LYS B 195 -29.32 -8.26 -13.49
C LYS B 195 -29.24 -8.62 -14.97
N GLU B 196 -29.99 -9.63 -15.40
CA GLU B 196 -29.97 -10.01 -16.78
C GLU B 196 -30.46 -8.89 -17.74
N ASP B 197 -31.15 -7.88 -17.23
CA ASP B 197 -31.62 -6.74 -18.05
C ASP B 197 -30.65 -5.57 -18.17
N VAL B 198 -29.54 -5.60 -17.44
CA VAL B 198 -28.56 -4.53 -17.47
C VAL B 198 -27.25 -4.95 -18.12
N GLU B 199 -26.41 -3.99 -18.49
CA GLU B 199 -25.08 -4.26 -19.04
C GLU B 199 -24.08 -3.96 -17.94
N ILE B 200 -23.17 -4.90 -17.68
CA ILE B 200 -22.08 -4.69 -16.72
C ILE B 200 -20.95 -4.20 -17.57
N VAL B 201 -20.36 -3.07 -17.22
CA VAL B 201 -19.20 -2.50 -17.95
C VAL B 201 -18.02 -2.43 -16.98
N GLU B 202 -16.85 -2.93 -17.40
CA GLU B 202 -15.67 -2.91 -16.54
C GLU B 202 -15.09 -1.53 -16.61
N THR B 203 -14.70 -1.00 -15.47
CA THR B 203 -14.04 0.29 -15.41
C THR B 203 -12.59 0.02 -14.96
N TRP B 204 -11.90 0.99 -14.37
CA TRP B 204 -10.48 0.81 -14.07
C TRP B 204 -10.24 -0.21 -12.96
N ASP B 205 -9.12 -0.91 -13.02
CA ASP B 205 -8.80 -1.79 -11.89
C ASP B 205 -8.22 -0.96 -10.71
N THR B 206 -8.03 -1.58 -9.58
CA THR B 206 -7.79 -0.83 -8.34
C THR B 206 -6.57 -1.38 -7.64
N LEU B 207 -6.13 -0.63 -6.64
CA LEU B 207 -5.01 -0.97 -5.80
C LEU B 207 -5.18 -2.36 -5.20
N GLY B 208 -6.29 -2.56 -4.51
CA GLY B 208 -6.61 -3.83 -3.90
C GLY B 208 -8.07 -4.19 -4.11
N MET B 209 -8.51 -5.18 -3.33
CA MET B 209 -9.82 -5.82 -3.48
C MET B 209 -10.08 -6.09 -4.96
N ARG B 210 -9.11 -6.67 -5.65
CA ARG B 210 -9.09 -6.62 -7.10
C ARG B 210 -9.98 -7.72 -7.71
N ALA B 211 -10.16 -8.84 -6.99
CA ALA B 211 -10.83 -10.02 -7.55
C ALA B 211 -12.25 -9.65 -7.93
N THR B 212 -13.01 -9.05 -6.99
CA THR B 212 -14.35 -8.53 -7.39
C THR B 212 -14.29 -7.39 -8.42
N GLY B 213 -13.25 -6.55 -8.30
CA GLY B 213 -13.01 -5.45 -9.24
C GLY B 213 -14.02 -4.34 -9.11
N SER B 214 -14.03 -3.45 -10.08
CA SER B 214 -14.98 -2.34 -10.13
C SER B 214 -15.84 -2.49 -11.40
N HIS B 215 -17.16 -2.61 -11.25
CA HIS B 215 -18.03 -2.55 -12.43
C HIS B 215 -19.15 -1.51 -12.36
N ASP B 216 -19.40 -0.84 -13.47
CA ASP B 216 -20.58 -0.02 -13.63
C ASP B 216 -21.72 -0.88 -14.16
N ILE B 217 -22.95 -0.52 -13.83
CA ILE B 217 -24.12 -1.15 -14.42
C ILE B 217 -24.84 -0.09 -15.26
N VAL B 218 -25.12 -0.45 -16.52
CA VAL B 218 -25.76 0.44 -17.48
C VAL B 218 -27.17 -0.09 -17.73
N LEU B 219 -28.15 0.81 -17.58
CA LEU B 219 -29.55 0.53 -17.81
C LEU B 219 -29.98 1.35 -19.01
N LYS B 220 -30.39 0.68 -20.09
CA LYS B 220 -31.04 1.35 -21.19
C LYS B 220 -32.41 0.72 -21.38
N ASP B 221 -33.47 1.51 -21.13
CA ASP B 221 -34.83 1.13 -21.42
C ASP B 221 -35.25 -0.10 -20.63
N VAL B 222 -34.82 -0.20 -19.37
CA VAL B 222 -35.06 -1.37 -18.55
C VAL B 222 -36.45 -1.31 -17.96
N PHE B 223 -37.28 -2.31 -18.29
CA PHE B 223 -38.61 -2.42 -17.76
C PHE B 223 -38.59 -2.98 -16.35
N VAL B 224 -39.28 -2.29 -15.44
CA VAL B 224 -39.59 -2.78 -14.10
C VAL B 224 -41.12 -2.75 -14.01
N PRO B 225 -41.76 -3.93 -13.85
CA PRO B 225 -43.18 -3.94 -13.61
C PRO B 225 -43.52 -3.42 -12.22
N GLU B 226 -44.76 -2.98 -12.07
CA GLU B 226 -45.26 -2.38 -10.84
C GLU B 226 -44.99 -3.23 -9.61
N GLU B 227 -45.14 -4.54 -9.71
CA GLU B 227 -44.88 -5.45 -8.59
C GLU B 227 -43.42 -5.47 -8.08
N ARG B 228 -42.46 -4.99 -8.87
CA ARG B 228 -41.05 -4.88 -8.47
C ARG B 228 -40.59 -3.46 -8.18
N VAL B 229 -41.56 -2.56 -8.01
CA VAL B 229 -41.32 -1.22 -7.45
C VAL B 229 -41.18 -1.45 -5.93
N ILE B 230 -40.10 -0.97 -5.36
CA ILE B 230 -39.87 -1.11 -3.91
C ILE B 230 -40.63 0.00 -3.20
N VAL B 231 -40.31 1.23 -3.57
CA VAL B 231 -40.94 2.41 -2.95
C VAL B 231 -40.83 3.62 -3.88
N ILE B 232 -41.82 4.50 -3.85
CA ILE B 232 -41.70 5.83 -4.44
C ILE B 232 -41.78 6.86 -3.31
N GLN B 233 -40.70 7.62 -3.11
CA GLN B 233 -40.59 8.59 -1.98
C GLN B 233 -41.29 9.92 -2.25
N ARG B 234 -42.62 9.89 -2.12
CA ARG B 234 -43.50 11.06 -2.12
C ARG B 234 -43.57 11.71 -0.72
N PRO B 235 -44.30 12.85 -0.59
CA PRO B 235 -44.69 13.31 0.76
C PRO B 235 -45.65 12.33 1.49
N GLY B 236 -45.21 11.83 2.64
CA GLY B 236 -46.04 10.98 3.51
C GLY B 236 -45.69 9.50 3.66
N VAL B 237 -45.12 8.88 2.62
CA VAL B 237 -44.95 7.38 2.56
C VAL B 237 -44.23 6.66 3.75
N GLN B 238 -42.94 6.81 4.04
CA GLN B 238 -41.95 7.50 3.19
C GLN B 238 -40.64 6.68 2.94
N ALA B 239 -40.44 5.49 3.55
CA ALA B 239 -39.15 4.77 3.40
C ALA B 239 -39.16 3.29 3.83
N GLU B 240 -39.30 3.07 5.13
CA GLU B 240 -39.13 1.75 5.75
C GLU B 240 -40.03 1.61 6.99
N ARG B 241 -40.67 0.45 7.17
CA ARG B 241 -41.64 0.29 8.28
C ARG B 241 -41.03 0.51 9.67
N ARG B 242 -39.75 0.21 9.83
CA ARG B 242 -39.09 0.54 11.08
C ARG B 242 -37.57 0.67 10.89
N PRO B 243 -37.01 1.78 11.35
CA PRO B 243 -35.63 2.02 10.99
C PRO B 243 -34.65 1.10 11.70
N ASP B 244 -33.48 0.89 11.09
CA ASP B 244 -32.43 0.02 11.65
C ASP B 244 -31.07 0.74 11.87
N GLY B 245 -31.04 2.05 11.68
CA GLY B 245 -29.80 2.83 11.82
C GLY B 245 -28.65 2.43 10.91
N SER B 246 -28.95 1.69 9.83
CA SER B 246 -27.93 1.14 8.96
C SER B 246 -26.91 0.25 9.73
N GLY B 247 -27.36 -0.43 10.78
CA GLY B 247 -26.47 -1.34 11.53
C GLY B 247 -25.77 -2.39 10.67
N TRP B 248 -26.46 -2.86 9.66
CA TRP B 248 -25.93 -3.88 8.79
C TRP B 248 -24.63 -3.47 8.08
N LEU B 249 -24.39 -2.16 8.00
CA LEU B 249 -23.16 -1.63 7.42
C LEU B 249 -21.93 -1.93 8.25
N LEU B 250 -22.09 -2.47 9.45
CA LEU B 250 -20.93 -3.09 10.19
C LEU B 250 -20.24 -4.24 9.49
N HIS B 251 -20.85 -4.82 8.43
CA HIS B 251 -20.15 -5.85 7.64
C HIS B 251 -18.83 -5.31 7.08
N ILE B 252 -18.79 -4.01 6.78
CA ILE B 252 -17.64 -3.39 6.18
C ILE B 252 -16.44 -3.48 7.15
N PRO B 253 -16.52 -2.90 8.38
CA PRO B 253 -15.39 -3.07 9.32
C PRO B 253 -15.09 -4.48 9.71
N ALA B 254 -16.10 -5.36 9.75
CA ALA B 254 -15.79 -6.80 10.00
C ALA B 254 -14.84 -7.40 8.95
N CYS B 255 -15.07 -7.05 7.69
CA CYS B 255 -14.22 -7.54 6.60
C CYS B 255 -12.75 -7.04 6.78
N TYR B 256 -12.59 -5.74 6.99
CA TYR B 256 -11.27 -5.13 7.15
C TYR B 256 -10.52 -5.66 8.38
N LEU B 257 -11.23 -5.96 9.48
CA LEU B 257 -10.59 -6.63 10.63
C LEU B 257 -10.18 -8.05 10.34
N GLY B 258 -10.96 -8.77 9.54
CA GLY B 258 -10.52 -10.12 9.10
C GLY B 258 -9.24 -10.11 8.32
N ILE B 259 -9.11 -9.14 7.41
CA ILE B 259 -7.86 -8.97 6.67
C ILE B 259 -6.71 -8.66 7.66
N ALA B 260 -6.94 -7.75 8.61
CA ALA B 260 -5.89 -7.52 9.61
C ALA B 260 -5.53 -8.79 10.40
N LEU B 261 -6.54 -9.60 10.76
CA LEU B 261 -6.25 -10.84 11.46
C LEU B 261 -5.37 -11.80 10.66
N ALA B 262 -5.63 -11.90 9.35
CA ALA B 262 -4.76 -12.70 8.46
C ALA B 262 -3.31 -12.19 8.49
N ALA B 263 -3.16 -10.88 8.46
CA ALA B 263 -1.82 -10.32 8.46
C ALA B 263 -1.13 -10.63 9.79
N ARG B 264 -1.87 -10.43 10.89
CA ARG B 264 -1.40 -10.76 12.23
C ARG B 264 -0.98 -12.20 12.34
N ASP B 265 -1.87 -13.11 11.94
CA ASP B 265 -1.53 -14.56 12.03
C ASP B 265 -0.28 -14.87 11.23
N PHE B 266 -0.18 -14.22 10.05
CA PHE B 266 1.04 -14.42 9.23
C PHE B 266 2.34 -14.01 9.93
N ALA B 267 2.33 -12.82 10.48
CA ALA B 267 3.48 -12.23 11.11
C ALA B 267 3.85 -12.99 12.40
N LEU B 268 2.84 -13.41 13.15
CA LEU B 268 3.08 -14.22 14.34
C LEU B 268 3.75 -15.57 14.03
N GLU B 269 3.19 -16.30 13.06
CA GLU B 269 3.79 -17.51 12.55
C GLU B 269 5.23 -17.29 12.10
N TYR B 270 5.44 -16.26 11.30
CA TYR B 270 6.75 -15.94 10.79
C TYR B 270 7.72 -15.69 11.91
N ALA B 271 7.30 -14.84 12.85
CA ALA B 271 8.14 -14.47 13.97
C ALA B 271 8.48 -15.67 14.88
N ALA B 272 7.51 -16.58 15.06
CA ALA B 272 7.75 -17.77 15.88
C ALA B 272 8.75 -18.72 15.28
N THR B 273 8.86 -18.70 13.96
CA THR B 273 9.61 -19.75 13.26
C THR B 273 10.85 -19.28 12.50
N TYR B 274 11.03 -17.99 12.28
CA TYR B 274 12.20 -17.50 11.57
C TYR B 274 13.29 -17.20 12.60
N ARG B 275 14.39 -17.94 12.50
CA ARG B 275 15.56 -17.76 13.36
C ARG B 275 16.69 -17.48 12.37
N PRO B 276 17.10 -16.21 12.20
CA PRO B 276 18.29 -15.96 11.36
C PRO B 276 19.57 -16.49 12.05
N ASN B 277 20.62 -16.73 11.28
CA ASN B 277 21.88 -17.22 11.87
C ASN B 277 22.67 -16.14 12.67
N THR B 278 22.21 -14.89 12.64
CA THR B 278 22.79 -13.82 13.48
C THR B 278 22.26 -13.86 14.94
N LEU B 279 21.24 -14.67 15.24
CA LEU B 279 20.57 -14.71 16.54
C LEU B 279 20.47 -16.13 17.09
N PRO B 280 20.45 -16.30 18.42
CA PRO B 280 20.21 -17.61 19.04
C PRO B 280 18.74 -17.94 19.36
N HIS B 281 17.79 -17.08 18.99
CA HIS B 281 16.37 -17.33 19.24
C HIS B 281 15.51 -16.83 18.04
N PRO B 282 14.25 -17.25 17.97
CA PRO B 282 13.39 -16.75 16.90
C PRO B 282 13.23 -15.23 16.99
N ILE B 283 12.80 -14.57 15.92
CA ILE B 283 12.64 -13.15 15.98
C ILE B 283 11.48 -12.72 16.89
N ALA B 284 10.55 -13.62 17.16
CA ALA B 284 9.52 -13.38 18.17
C ALA B 284 10.07 -12.95 19.55
N GLU B 285 11.30 -13.31 19.88
CA GLU B 285 11.90 -12.89 21.14
C GLU B 285 12.80 -11.62 21.02
N VAL B 286 12.84 -10.95 19.87
CA VAL B 286 13.63 -9.73 19.72
C VAL B 286 12.75 -8.63 20.37
N PRO B 287 13.33 -7.81 21.26
CA PRO B 287 12.45 -6.82 21.98
C PRO B 287 11.56 -5.97 21.11
N HIS B 288 12.07 -5.35 20.03
CA HIS B 288 11.17 -4.44 19.25
C HIS B 288 10.07 -5.25 18.51
N VAL B 289 10.34 -6.51 18.17
CA VAL B 289 9.34 -7.41 17.57
C VAL B 289 8.24 -7.76 18.57
N GLU B 290 8.61 -8.04 19.82
CA GLU B 290 7.63 -8.26 20.89
C GLU B 290 6.71 -7.08 21.06
N GLN B 291 7.30 -5.90 21.03
CA GLN B 291 6.51 -4.69 21.10
C GLN B 291 5.53 -4.54 19.95
N LYS B 292 5.98 -4.79 18.73
CA LYS B 292 5.09 -4.66 17.54
C LYS B 292 3.97 -5.69 17.57
N LEU B 293 4.30 -6.93 17.95
CA LEU B 293 3.29 -7.98 18.06
C LEU B 293 2.26 -7.63 19.15
N GLY B 294 2.73 -7.13 20.27
CA GLY B 294 1.85 -6.68 21.37
C GLY B 294 0.93 -5.55 20.91
N GLU B 295 1.49 -4.57 20.24
CA GLU B 295 0.69 -3.42 19.76
C GLU B 295 -0.43 -3.86 18.80
N MET B 296 -0.10 -4.72 17.83
CA MET B 296 -1.10 -5.40 16.99
C MET B 296 -2.19 -6.05 17.82
N GLU B 297 -1.84 -6.78 18.85
CA GLU B 297 -2.85 -7.45 19.66
C GLU B 297 -3.76 -6.46 20.31
N LEU B 298 -3.21 -5.35 20.79
CA LEU B 298 -4.07 -4.37 21.48
C LEU B 298 -4.99 -3.65 20.48
N LYS B 299 -4.48 -3.27 19.32
CA LYS B 299 -5.32 -2.58 18.31
C LYS B 299 -6.49 -3.48 17.90
N LEU B 300 -6.21 -4.77 17.70
CA LEU B 300 -7.24 -5.75 17.34
C LEU B 300 -8.24 -5.99 18.48
N LEU B 301 -7.75 -6.15 19.70
CA LEU B 301 -8.60 -6.33 20.87
C LEU B 301 -9.58 -5.16 21.02
N ALA B 302 -9.08 -3.93 20.93
CA ALA B 302 -9.94 -2.73 21.07
C ALA B 302 -10.98 -2.62 19.94
N ALA B 303 -10.53 -2.77 18.72
CA ALA B 303 -11.44 -2.59 17.56
C ALA B 303 -12.47 -3.70 17.48
N ARG B 304 -12.06 -4.96 17.70
CA ARG B 304 -13.02 -6.08 17.63
C ARG B 304 -14.00 -6.06 18.77
N THR B 305 -13.54 -5.67 19.97
CA THR B 305 -14.42 -5.61 21.10
C THR B 305 -15.51 -4.61 20.82
N LEU B 306 -15.17 -3.47 20.29
CA LEU B 306 -16.19 -2.46 20.04
C LEU B 306 -17.17 -2.95 18.94
N LEU B 307 -16.64 -3.54 17.86
CA LEU B 307 -17.45 -4.01 16.78
C LEU B 307 -18.54 -4.96 17.22
N TYR B 308 -18.17 -5.99 17.93
CA TYR B 308 -19.09 -6.96 18.45
C TYR B 308 -20.03 -6.46 19.54
N ASP B 309 -19.54 -5.54 20.39
CA ASP B 309 -20.40 -4.92 21.40
C ASP B 309 -21.57 -4.21 20.70
N LEU B 310 -21.26 -3.44 19.68
CA LEU B 310 -22.30 -2.68 18.98
C LEU B 310 -23.25 -3.57 18.17
N ALA B 311 -22.73 -4.69 17.66
CA ALA B 311 -23.54 -5.68 16.96
C ALA B 311 -24.49 -6.33 17.92
N ARG B 312 -24.01 -6.68 19.13
CA ARG B 312 -24.96 -7.22 20.14
C ARG B 312 -26.00 -6.18 20.58
N ARG B 313 -25.59 -4.93 20.75
CA ARG B 313 -26.56 -3.86 21.08
C ARG B 313 -27.59 -3.71 19.97
N PHE B 314 -27.15 -3.75 18.70
CA PHE B 314 -28.08 -3.71 17.54
C PHE B 314 -29.10 -4.81 17.66
N ASP B 315 -28.63 -6.03 17.89
CA ASP B 315 -29.51 -7.22 17.95
C ASP B 315 -30.56 -7.11 19.05
N ALA B 316 -30.17 -6.54 20.17
CA ALA B 316 -31.09 -6.40 21.28
C ALA B 316 -31.97 -5.14 21.17
N ALA B 317 -31.70 -4.22 20.24
CA ALA B 317 -32.32 -2.88 20.31
C ALA B 317 -33.62 -2.79 19.54
N SER B 318 -34.54 -1.94 20.01
CA SER B 318 -35.71 -1.57 19.23
C SER B 318 -35.27 -0.68 18.05
N PRO B 319 -36.17 -0.40 17.11
CA PRO B 319 -35.83 0.49 16.00
C PRO B 319 -35.41 1.90 16.40
N GLU B 320 -36.09 2.45 17.37
CA GLU B 320 -35.77 3.80 17.88
C GLU B 320 -34.38 3.83 18.48
N GLU B 321 -33.99 2.77 19.20
CA GLU B 321 -32.64 2.67 19.79
C GLU B 321 -31.60 2.46 18.68
N ARG B 322 -31.96 1.69 17.66
CA ARG B 322 -31.03 1.46 16.56
C ARG B 322 -30.68 2.75 15.84
N VAL B 323 -31.65 3.61 15.61
CA VAL B 323 -31.40 4.92 15.02
C VAL B 323 -30.42 5.73 15.86
N LYS B 324 -30.60 5.70 17.19
CA LYS B 324 -29.68 6.39 18.13
C LYS B 324 -28.27 5.82 18.18
N LEU B 325 -28.10 4.55 17.80
CA LEU B 325 -26.78 3.98 17.74
C LEU B 325 -25.94 4.41 16.52
N GLN B 326 -26.52 5.10 15.55
CA GLN B 326 -25.76 5.40 14.34
C GLN B 326 -24.38 6.04 14.55
N PRO B 327 -24.24 7.02 15.47
CA PRO B 327 -22.95 7.67 15.64
C PRO B 327 -21.89 6.65 16.09
N GLN B 328 -22.29 5.74 16.96
CA GLN B 328 -21.36 4.69 17.41
C GLN B 328 -21.06 3.67 16.30
N PHE B 329 -22.06 3.32 15.48
CA PHE B 329 -21.78 2.52 14.27
C PHE B 329 -20.72 3.16 13.36
N GLY B 330 -20.80 4.48 13.17
CA GLY B 330 -19.75 5.20 12.46
C GLY B 330 -18.41 5.06 13.16
N ALA B 331 -18.39 5.26 14.47
CA ALA B 331 -17.17 5.20 15.22
C ALA B 331 -16.46 3.90 15.02
N VAL B 332 -17.21 2.77 15.05
CA VAL B 332 -16.67 1.41 14.83
C VAL B 332 -15.99 1.35 13.47
N LYS B 333 -16.66 1.88 12.44
CA LYS B 333 -16.08 1.86 11.10
C LYS B 333 -14.71 2.58 11.06
N THR B 334 -14.63 3.81 11.62
CA THR B 334 -13.40 4.57 11.63
C THR B 334 -12.34 3.79 12.43
N LEU B 335 -12.69 3.33 13.62
CA LEU B 335 -11.67 2.61 14.49
C LEU B 335 -11.18 1.34 13.84
N ALA B 336 -12.11 0.52 13.32
CA ALA B 336 -11.70 -0.74 12.71
C ALA B 336 -10.86 -0.62 11.45
N THR B 337 -11.25 0.29 10.57
CA THR B 337 -10.56 0.40 9.29
C THR B 337 -9.18 1.01 9.52
N ASN B 338 -9.08 2.04 10.38
CA ASN B 338 -7.78 2.58 10.78
C ASN B 338 -6.90 1.54 11.48
N ALA B 339 -7.47 0.82 12.45
CA ALA B 339 -6.73 -0.23 13.20
C ALA B 339 -6.25 -1.26 12.21
N ALA B 340 -7.08 -1.63 11.24
CA ALA B 340 -6.68 -2.69 10.35
C ALA B 340 -5.48 -2.29 9.48
N ASN B 341 -5.49 -1.05 8.99
CA ASN B 341 -4.34 -0.54 8.23
C ASN B 341 -3.08 -0.50 9.07
N GLN B 342 -3.23 -0.10 10.33
CA GLN B 342 -2.08 0.00 11.23
C GLN B 342 -1.56 -1.39 11.57
N VAL B 343 -2.46 -2.36 11.73
CA VAL B 343 -2.05 -3.71 12.06
C VAL B 343 -1.22 -4.29 10.91
N VAL B 344 -1.69 -4.08 9.68
CA VAL B 344 -0.95 -4.58 8.52
C VAL B 344 0.42 -3.92 8.43
N ASP B 345 0.50 -2.62 8.70
CA ASP B 345 1.77 -1.91 8.73
C ASP B 345 2.76 -2.54 9.73
N LEU B 346 2.28 -2.79 10.94
CA LEU B 346 3.10 -3.47 11.96
C LEU B 346 3.50 -4.88 11.56
N ALA B 347 2.58 -5.65 10.96
CA ALA B 347 2.88 -7.02 10.54
C ALA B 347 4.01 -7.03 9.50
N MET B 348 3.93 -6.10 8.52
CA MET B 348 5.01 -5.93 7.55
C MET B 348 6.34 -5.55 8.21
N ARG B 349 6.32 -4.64 9.20
CA ARG B 349 7.59 -4.30 9.88
C ARG B 349 8.15 -5.49 10.64
N VAL B 350 7.31 -6.35 11.19
CA VAL B 350 7.79 -7.57 11.90
C VAL B 350 8.49 -8.49 10.93
N VAL B 351 7.89 -8.70 9.75
CA VAL B 351 8.42 -9.62 8.78
C VAL B 351 9.64 -9.03 8.11
N GLY B 352 9.63 -7.72 7.89
CA GLY B 352 10.79 -7.05 7.31
C GLY B 352 10.71 -7.00 5.78
N GLY B 353 11.87 -6.93 5.14
CA GLY B 353 12.03 -6.82 3.67
C GLY B 353 11.27 -7.84 2.84
N ARG B 354 11.18 -9.09 3.32
CA ARG B 354 10.39 -10.14 2.61
C ARG B 354 8.91 -9.77 2.45
N SER B 355 8.38 -8.92 3.31
CA SER B 355 7.00 -8.47 3.25
C SER B 355 6.65 -7.75 1.93
N LEU B 356 7.65 -7.25 1.24
CA LEU B 356 7.46 -6.66 -0.08
C LEU B 356 7.25 -7.67 -1.20
N SER B 357 7.56 -8.95 -0.93
CA SER B 357 7.49 -9.96 -1.99
C SER B 357 6.09 -10.42 -2.26
N ARG B 358 5.73 -10.50 -3.53
CA ARG B 358 4.45 -11.08 -3.90
C ARG B 358 4.40 -12.62 -3.65
N ALA B 359 5.51 -13.26 -3.31
CA ALA B 359 5.47 -14.66 -2.81
C ALA B 359 4.71 -14.83 -1.51
N LEU B 360 4.62 -13.77 -0.68
CA LEU B 360 3.98 -13.76 0.61
C LEU B 360 2.67 -12.96 0.42
N PRO B 361 1.68 -13.19 1.28
CA PRO B 361 0.37 -12.57 1.14
C PRO B 361 0.27 -11.21 1.76
N LEU B 362 1.29 -10.79 2.56
CA LEU B 362 1.22 -9.55 3.30
C LEU B 362 1.04 -8.35 2.40
N GLU B 363 1.69 -8.34 1.24
CA GLU B 363 1.57 -7.18 0.35
C GLU B 363 0.15 -7.05 -0.23
N ARG B 364 -0.50 -8.18 -0.52
CA ARG B 364 -1.90 -8.19 -0.87
C ARG B 364 -2.77 -7.66 0.23
N TYR B 365 -2.54 -8.10 1.45
CA TYR B 365 -3.27 -7.52 2.62
C TYR B 365 -3.09 -5.99 2.77
N TYR B 366 -1.87 -5.49 2.54
CA TYR B 366 -1.58 -4.06 2.55
C TYR B 366 -2.39 -3.30 1.50
N ARG B 367 -2.46 -3.87 0.32
CA ARG B 367 -3.25 -3.24 -0.74
C ARG B 367 -4.76 -3.32 -0.45
N ASP B 368 -5.25 -4.49 -0.01
CA ASP B 368 -6.68 -4.72 0.21
C ASP B 368 -7.24 -3.84 1.35
N VAL B 369 -6.47 -3.73 2.43
CA VAL B 369 -6.93 -3.06 3.63
C VAL B 369 -7.11 -1.58 3.47
N ARG B 370 -6.40 -1.01 2.50
CA ARG B 370 -6.49 0.40 2.23
C ARG B 370 -7.87 0.92 1.87
N ALA B 371 -8.67 0.14 1.13
CA ALA B 371 -9.97 0.62 0.66
C ALA B 371 -10.98 0.90 1.79
N GLY B 372 -10.80 0.27 2.95
CA GLY B 372 -11.67 0.60 4.11
C GLY B 372 -11.73 2.08 4.47
N LEU B 373 -10.62 2.76 4.30
CA LEU B 373 -10.53 4.19 4.69
C LEU B 373 -11.35 5.07 3.76
N HIS B 374 -11.57 4.62 2.53
CA HIS B 374 -12.23 5.44 1.50
C HIS B 374 -13.71 5.05 1.26
N ASN B 375 -14.20 3.97 1.88
CA ASN B 375 -15.66 3.69 2.03
C ASN B 375 -16.30 4.77 2.89
N PRO B 376 -17.45 5.37 2.48
CA PRO B 376 -18.17 6.20 3.45
C PRO B 376 -18.66 5.38 4.66
N PRO B 377 -18.83 5.99 5.85
CA PRO B 377 -18.58 7.42 6.09
C PRO B 377 -17.10 7.70 6.25
N MET B 378 -16.62 8.77 5.66
CA MET B 378 -15.21 9.16 5.87
C MET B 378 -14.95 9.52 7.37
N ASP B 379 -13.72 9.40 7.82
CA ASP B 379 -13.34 9.73 9.17
C ASP B 379 -13.78 11.12 9.62
N ASP B 380 -13.66 12.15 8.76
CA ASP B 380 -14.07 13.47 9.19
C ASP B 380 -15.58 13.56 9.51
N VAL B 381 -16.37 12.79 8.79
CA VAL B 381 -17.80 12.73 8.98
C VAL B 381 -18.13 11.98 10.28
N VAL B 382 -17.47 10.89 10.50
CA VAL B 382 -17.66 10.12 11.73
C VAL B 382 -17.34 10.97 12.94
N TYR B 383 -16.23 11.72 12.91
CA TYR B 383 -15.89 12.53 14.07
C TYR B 383 -16.89 13.66 14.29
N ARG B 384 -17.26 14.35 13.21
CA ARG B 384 -18.27 15.38 13.31
C ARG B 384 -19.58 14.85 13.92
N ASN B 385 -20.00 13.69 13.47
CA ASN B 385 -21.24 13.09 13.97
C ASN B 385 -21.16 12.66 15.46
N LEU B 386 -20.02 12.17 15.87
CA LEU B 386 -19.75 11.92 17.30
C LEU B 386 -19.83 13.17 18.13
N ALA B 387 -19.23 14.26 17.63
CA ALA B 387 -19.30 15.55 18.31
C ALA B 387 -20.72 16.00 18.40
N LYS B 388 -21.47 15.88 17.33
CA LYS B 388 -22.85 16.34 17.37
C LYS B 388 -23.70 15.48 18.33
N ALA B 389 -23.48 14.17 18.37
CA ALA B 389 -24.22 13.31 19.30
C ALA B 389 -23.86 13.67 20.73
N ALA B 390 -22.60 13.98 20.99
CA ALA B 390 -22.20 14.43 22.34
C ALA B 390 -22.91 15.71 22.77
N LEU B 391 -23.03 16.66 21.82
CA LEU B 391 -23.73 17.92 22.10
C LEU B 391 -25.20 17.68 22.30
N ALA B 392 -25.79 16.79 21.52
CA ALA B 392 -27.21 16.45 21.70
C ALA B 392 -27.47 15.79 23.07
N ARG B 393 -26.60 14.84 23.48
CA ARG B 393 -26.72 14.20 24.80
C ARG B 393 -26.61 15.21 25.94
N ARG B 394 -25.66 16.13 25.85
CA ARG B 394 -25.59 17.21 26.82
C ARG B 394 -26.89 18.03 26.88
N ALA B 395 -27.42 18.43 25.72
CA ALA B 395 -28.64 19.23 25.67
C ALA B 395 -29.85 18.49 26.28
N ALA B 396 -30.01 17.21 25.93
CA ALA B 396 -31.09 16.37 26.51
C ALA B 396 -30.98 16.19 28.04
N GLY B 397 -29.76 16.08 28.57
CA GLY B 397 -29.56 15.97 30.02
C GLY B 397 -30.25 16.97 30.97
N GLN B 398 -30.60 18.16 30.49
CA GLN B 398 -31.05 19.30 31.35
C GLN B 398 -32.49 19.73 31.08
#